data_5O6D
#
_entry.id   5O6D
#
_cell.length_a   74.406
_cell.length_b   90.783
_cell.length_c   186.169
_cell.angle_alpha   90.00
_cell.angle_beta   90.00
_cell.angle_gamma   90.00
#
_symmetry.space_group_name_H-M   'P 21 21 21'
#
loop_
_entity.id
_entity.type
_entity.pdbx_description
1 polymer 'ATP-dependent DNA helicase PIF1'
2 polymer "DNA (5'-D(P*TP*TP*TP*TP*TP*T)-3')"
3 non-polymer 'PHOSPHOTHIOPHOSPHORIC ACID-ADENYLATE ESTER'
4 non-polymer 'MAGNESIUM ION'
#
loop_
_entity_poly.entity_id
_entity_poly.type
_entity_poly.pdbx_seq_one_letter_code
_entity_poly.pdbx_strand_id
1 'polypeptide(L)'
;GLSKEQESIIKLAENGHNIFYTGSAGTGKSILLREMIKVLKGIYGRENVAVTASTGLAACNIGGITIHSFAGIGLGKGDA
DKLYKKVRRSRKHLRRWENIGALVVDEISMLDAELLDKLDFIARKIRKNHQPFGGIQLIFCGDFFQLPPVSKDPNRPTKF
AFESKAWKEGVKMTIMLQKVFRQRGDVKFIDMLNRMRLGNIDDETEREFKKLSRPLPDDEIIPAELYSTRMEVERANNSR
LSKLPGQVHIFNAIDGGALEDEELKERLLQNFLAPKELHLKVGAQVMMVKNLDATLVNGSLGKVIEFMDPETYFCYEALT
NDPSMPPEKLETWAENPSKLKAAMEREQSDGEESAVASRKSSVKEGFAKSDIGEPVSPLDSSVFDFMKRVKTDDEVVLEN
IKRKEQLMQTIHQNSAGKRRLPLVRFKASDMSTRMVLVEPEDWAIEDENEKPLVSRVQLPLMLAWSLSIHKSQGQTLPKV
KVDLRRVFEKGQAYVALSRAVSREGLQVLNFDRTRIKAHQKVIDFYLTLSSAESAYKQLEADEQV
;
A,B
2 'polydeoxyribonucleotide' (DT)(DT)(DT)(DT)(DT)(DT) C,D
#
loop_
_chem_comp.id
_chem_comp.type
_chem_comp.name
_chem_comp.formula
AGS non-polymer 'PHOSPHOTHIOPHOSPHORIC ACID-ADENYLATE ESTER' 'C10 H16 N5 O12 P3 S'
DT DNA linking THYMIDINE-5'-MONOPHOSPHATE 'C10 H15 N2 O8 P'
MG non-polymer 'MAGNESIUM ION' 'Mg 2'
#
# COMPACT_ATOMS: atom_id res chain seq x y z
N LEU A 2 19.72 -21.89 32.98
CA LEU A 2 18.36 -22.20 32.57
C LEU A 2 17.48 -22.45 33.79
N SER A 3 16.18 -22.23 33.65
CA SER A 3 15.27 -22.32 34.78
C SER A 3 14.79 -23.76 35.00
N LYS A 4 13.96 -23.93 36.03
CA LYS A 4 13.36 -25.23 36.31
C LYS A 4 12.10 -25.45 35.47
N GLU A 5 11.31 -24.39 35.27
CA GLU A 5 10.11 -24.48 34.43
C GLU A 5 10.47 -24.76 32.98
N GLN A 6 11.69 -24.39 32.55
CA GLN A 6 12.11 -24.59 31.17
C GLN A 6 12.58 -26.02 30.93
N GLU A 7 13.49 -26.51 31.77
CA GLU A 7 14.02 -27.86 31.60
C GLU A 7 12.93 -28.91 31.51
N SER A 8 11.78 -28.67 32.15
CA SER A 8 10.64 -29.57 32.04
C SER A 8 9.99 -29.52 30.66
N ILE A 9 10.51 -28.71 29.76
CA ILE A 9 10.01 -28.63 28.39
C ILE A 9 10.93 -29.36 27.42
N ILE A 10 12.23 -29.04 27.47
CA ILE A 10 13.23 -29.83 26.74
C ILE A 10 13.03 -31.31 27.01
N LYS A 11 12.82 -31.67 28.29
CA LYS A 11 12.65 -33.07 28.66
C LYS A 11 11.28 -33.61 28.29
N LEU A 12 10.27 -32.75 28.18
CA LEU A 12 9.02 -33.15 27.55
C LEU A 12 9.22 -33.41 26.06
N ALA A 13 9.88 -32.46 25.37
CA ALA A 13 10.21 -32.67 23.96
C ALA A 13 11.20 -33.82 23.79
N GLU A 14 12.05 -34.05 24.79
CA GLU A 14 12.90 -35.24 24.80
C GLU A 14 12.06 -36.51 24.67
N ASN A 15 11.07 -36.67 25.55
CA ASN A 15 10.30 -37.91 25.60
C ASN A 15 9.38 -38.09 24.39
N GLY A 16 9.24 -37.09 23.53
CA GLY A 16 8.62 -37.28 22.24
C GLY A 16 7.20 -36.76 22.08
N HIS A 17 6.82 -35.71 22.81
CA HIS A 17 5.45 -35.21 22.80
C HIS A 17 5.35 -33.97 21.92
N ASN A 18 4.26 -33.90 21.15
CA ASN A 18 4.07 -32.87 20.12
C ASN A 18 3.57 -31.58 20.80
N ILE A 19 4.45 -31.01 21.61
CA ILE A 19 4.08 -29.87 22.44
C ILE A 19 4.08 -28.59 21.62
N PHE A 20 3.09 -27.73 21.89
CA PHE A 20 3.21 -26.30 21.66
C PHE A 20 3.47 -25.65 23.02
N TYR A 21 4.31 -24.63 23.03
CA TYR A 21 4.69 -24.01 24.29
C TYR A 21 4.94 -22.53 24.07
N THR A 22 4.56 -21.72 25.05
CA THR A 22 4.38 -20.30 24.85
C THR A 22 4.73 -19.56 26.15
N GLY A 23 4.35 -18.30 26.21
CA GLY A 23 4.70 -17.43 27.31
C GLY A 23 4.86 -16.00 26.83
N SER A 24 4.76 -15.06 27.77
CA SER A 24 4.95 -13.65 27.47
C SER A 24 6.29 -13.41 26.77
N ALA A 25 6.36 -12.33 25.99
CA ALA A 25 7.65 -11.90 25.45
C ALA A 25 8.65 -11.72 26.57
N GLY A 26 9.90 -12.13 26.31
CA GLY A 26 10.94 -12.04 27.31
C GLY A 26 11.15 -13.28 28.15
N THR A 27 10.21 -14.23 28.12
CA THR A 27 10.23 -15.36 29.04
C THR A 27 11.19 -16.48 28.61
N GLY A 28 12.10 -16.22 27.69
CA GLY A 28 13.13 -17.19 27.36
C GLY A 28 12.63 -18.48 26.73
N LYS A 29 11.72 -18.39 25.77
CA LYS A 29 11.30 -19.58 25.04
C LYS A 29 12.26 -19.92 23.91
N SER A 30 12.80 -18.89 23.24
CA SER A 30 13.74 -19.12 22.16
C SER A 30 15.07 -19.63 22.68
N ILE A 31 15.66 -18.93 23.65
CA ILE A 31 16.88 -19.40 24.31
C ILE A 31 16.74 -20.85 24.73
N LEU A 32 15.64 -21.16 25.42
CA LEU A 32 15.29 -22.55 25.73
C LEU A 32 15.37 -23.41 24.48
N LEU A 33 14.63 -23.03 23.44
CA LEU A 33 14.57 -23.81 22.21
C LEU A 33 15.95 -24.06 21.63
N ARG A 34 16.83 -23.05 21.66
CA ARG A 34 18.16 -23.18 21.10
C ARG A 34 18.91 -24.38 21.68
N GLU A 35 18.67 -24.69 22.95
CA GLU A 35 19.32 -25.81 23.60
C GLU A 35 18.52 -27.10 23.42
N MET A 36 17.18 -26.99 23.44
CA MET A 36 16.32 -28.11 23.07
C MET A 36 16.71 -28.70 21.71
N ILE A 37 17.18 -27.86 20.79
CA ILE A 37 17.51 -28.34 19.45
C ILE A 37 18.75 -29.22 19.46
N LYS A 38 19.69 -28.95 20.37
CA LYS A 38 20.86 -29.82 20.50
C LYS A 38 20.46 -31.25 20.84
N VAL A 39 19.56 -31.41 21.81
CA VAL A 39 19.21 -32.74 22.29
C VAL A 39 18.16 -33.44 21.44
N LEU A 40 17.68 -32.81 20.38
CA LEU A 40 16.81 -33.49 19.43
C LEU A 40 17.56 -33.97 18.19
N LYS A 41 18.73 -33.39 17.91
CA LYS A 41 19.61 -33.95 16.90
C LYS A 41 20.32 -35.20 17.42
N GLY A 42 20.61 -35.24 18.72
CA GLY A 42 21.15 -36.45 19.31
C GLY A 42 20.18 -37.61 19.34
N ILE A 43 18.89 -37.36 19.18
CA ILE A 43 17.90 -38.41 19.11
C ILE A 43 17.72 -38.86 17.67
N TYR A 44 17.32 -37.94 16.81
CA TYR A 44 17.00 -38.23 15.41
C TYR A 44 18.25 -38.20 14.54
N GLY A 45 18.96 -37.08 14.54
CA GLY A 45 20.13 -36.88 13.72
C GLY A 45 20.32 -35.40 13.43
N ARG A 46 21.57 -34.95 13.35
CA ARG A 46 21.83 -33.54 13.07
C ARG A 46 21.12 -33.08 11.79
N GLU A 47 20.90 -33.99 10.85
CA GLU A 47 20.24 -33.66 9.60
C GLU A 47 18.74 -33.99 9.59
N ASN A 48 18.20 -34.47 10.70
CA ASN A 48 16.80 -34.86 10.77
C ASN A 48 15.96 -33.96 11.68
N VAL A 49 16.52 -32.86 12.16
CA VAL A 49 15.77 -31.84 12.88
C VAL A 49 15.69 -30.61 12.00
N ALA A 50 14.49 -30.05 11.87
CA ALA A 50 14.20 -28.98 10.94
C ALA A 50 13.84 -27.73 11.73
N VAL A 51 14.81 -26.85 11.91
CA VAL A 51 14.63 -25.64 12.69
C VAL A 51 14.08 -24.56 11.78
N THR A 52 12.94 -23.98 12.15
CA THR A 52 12.29 -22.94 11.36
C THR A 52 11.55 -21.97 12.27
N ALA A 53 11.23 -20.80 11.72
CA ALA A 53 10.33 -19.85 12.34
C ALA A 53 9.42 -19.26 11.28
N SER A 54 8.57 -18.32 11.68
CA SER A 54 7.63 -17.73 10.74
C SER A 54 8.32 -16.75 9.79
N THR A 55 9.06 -15.79 10.34
CA THR A 55 9.86 -14.90 9.53
C THR A 55 11.23 -15.53 9.29
N GLY A 56 12.18 -14.77 8.73
CA GLY A 56 13.47 -15.34 8.44
C GLY A 56 14.58 -14.84 9.34
N LEU A 57 14.49 -13.58 9.76
CA LEU A 57 15.38 -13.09 10.81
C LEU A 57 15.15 -13.86 12.11
N ALA A 58 13.91 -13.84 12.61
CA ALA A 58 13.55 -14.65 13.77
C ALA A 58 13.92 -16.12 13.59
N ALA A 59 13.94 -16.60 12.34
CA ALA A 59 14.36 -17.97 12.11
C ALA A 59 15.86 -18.14 12.32
N CYS A 60 16.63 -17.07 12.14
CA CYS A 60 18.05 -17.11 12.44
C CYS A 60 18.32 -16.99 13.93
N ASN A 61 17.37 -16.47 14.70
CA ASN A 61 17.49 -16.38 16.16
C ASN A 61 17.82 -17.74 16.78
N ILE A 62 17.42 -18.83 16.13
CA ILE A 62 17.61 -20.16 16.68
C ILE A 62 18.46 -21.06 15.80
N GLY A 63 18.70 -20.70 14.54
CA GLY A 63 19.53 -21.48 13.64
C GLY A 63 18.85 -21.89 12.37
N GLY A 64 17.57 -21.57 12.20
CA GLY A 64 16.75 -22.16 11.17
C GLY A 64 16.47 -21.29 9.96
N ILE A 65 16.01 -21.95 8.90
CA ILE A 65 15.50 -21.28 7.72
C ILE A 65 14.04 -20.93 7.95
N THR A 66 13.52 -20.05 7.10
CA THR A 66 12.09 -19.76 7.11
C THR A 66 11.30 -21.04 6.86
N ILE A 67 10.16 -21.17 7.53
CA ILE A 67 9.29 -22.34 7.35
C ILE A 67 9.00 -22.57 5.87
N HIS A 68 8.81 -21.49 5.11
CA HIS A 68 8.52 -21.64 3.69
C HIS A 68 9.74 -22.16 2.93
N SER A 69 10.93 -21.66 3.26
CA SER A 69 12.15 -22.13 2.61
C SER A 69 12.38 -23.61 2.89
N PHE A 70 12.08 -24.06 4.11
CA PHE A 70 12.27 -25.46 4.46
C PHE A 70 11.38 -26.37 3.63
N ALA A 71 10.06 -26.16 3.73
CA ALA A 71 9.12 -27.06 3.08
C ALA A 71 9.26 -27.03 1.56
N GLY A 72 9.67 -25.90 1.00
CA GLY A 72 9.85 -25.79 -0.43
C GLY A 72 8.54 -25.50 -1.13
N ILE A 73 7.86 -24.44 -0.71
CA ILE A 73 6.49 -24.18 -1.14
C ILE A 73 6.37 -22.77 -1.70
N GLY A 74 7.51 -22.13 -1.95
CA GLY A 74 7.46 -20.73 -2.35
C GLY A 74 6.74 -19.90 -1.31
N LEU A 75 5.97 -18.91 -1.77
CA LEU A 75 5.13 -18.15 -0.84
C LEU A 75 3.95 -18.96 -0.32
N GLY A 76 3.69 -20.14 -0.85
CA GLY A 76 2.67 -21.03 -0.31
C GLY A 76 1.26 -20.49 -0.37
N LYS A 77 0.91 -19.77 -1.44
CA LYS A 77 -0.46 -19.25 -1.57
C LYS A 77 -1.41 -20.26 -2.18
N GLY A 78 -0.94 -21.10 -3.10
CA GLY A 78 -1.80 -21.95 -3.89
C GLY A 78 -2.58 -23.02 -3.14
N ASP A 79 -3.25 -23.88 -3.90
CA ASP A 79 -4.10 -24.91 -3.32
C ASP A 79 -3.27 -25.92 -2.55
N ALA A 80 -3.90 -26.54 -1.54
CA ALA A 80 -3.20 -27.51 -0.71
C ALA A 80 -2.71 -28.71 -1.49
N ASP A 81 -3.42 -29.07 -2.57
CA ASP A 81 -3.02 -30.24 -3.36
C ASP A 81 -1.82 -29.93 -4.26
N LYS A 82 -1.77 -28.72 -4.82
CA LYS A 82 -0.72 -28.38 -5.77
C LYS A 82 0.59 -28.02 -5.10
N LEU A 83 0.57 -27.63 -3.83
CA LEU A 83 1.81 -27.46 -3.08
C LEU A 83 2.52 -28.80 -2.89
N TYR A 84 1.75 -29.88 -2.71
CA TYR A 84 2.33 -31.22 -2.61
C TYR A 84 3.17 -31.57 -3.83
N LYS A 85 2.66 -31.26 -5.02
CA LYS A 85 3.37 -31.61 -6.25
C LYS A 85 4.53 -30.67 -6.51
N LYS A 86 4.44 -29.42 -6.06
CA LYS A 86 5.59 -28.53 -6.06
C LYS A 86 6.70 -29.09 -5.17
N VAL A 87 6.34 -29.61 -4.00
CA VAL A 87 7.32 -30.17 -3.07
C VAL A 87 8.01 -31.39 -3.70
N ARG A 88 7.23 -32.40 -4.08
CA ARG A 88 7.79 -33.67 -4.55
C ARG A 88 8.55 -33.55 -5.86
N ARG A 89 8.61 -32.35 -6.46
CA ARG A 89 9.43 -32.16 -7.66
C ARG A 89 10.90 -32.04 -7.30
N SER A 90 11.25 -31.03 -6.49
CA SER A 90 12.61 -30.85 -6.04
C SER A 90 13.00 -31.96 -5.08
N ARG A 91 13.99 -32.77 -5.47
CA ARG A 91 14.34 -33.95 -4.68
C ARG A 91 14.77 -33.58 -3.27
N LYS A 92 15.57 -32.52 -3.14
CA LYS A 92 16.02 -32.07 -1.82
C LYS A 92 14.85 -31.91 -0.85
N HIS A 93 13.83 -31.15 -1.25
CA HIS A 93 12.74 -30.81 -0.35
C HIS A 93 11.87 -32.02 0.00
N LEU A 94 11.75 -32.97 -0.92
CA LEU A 94 10.86 -34.12 -0.68
C LEU A 94 11.40 -35.00 0.45
N ARG A 95 12.68 -35.36 0.40
CA ARG A 95 13.24 -36.20 1.44
C ARG A 95 13.52 -35.43 2.72
N ARG A 96 13.71 -34.11 2.62
CA ARG A 96 13.67 -33.25 3.80
C ARG A 96 12.37 -33.44 4.57
N TRP A 97 11.30 -33.85 3.88
CA TRP A 97 10.04 -34.19 4.52
C TRP A 97 9.94 -35.67 4.90
N GLU A 98 10.76 -36.53 4.30
CA GLU A 98 10.70 -37.97 4.57
C GLU A 98 11.55 -38.38 5.76
N ASN A 99 12.44 -37.52 6.26
CA ASN A 99 13.40 -37.90 7.28
C ASN A 99 13.26 -37.12 8.58
N ILE A 100 12.79 -35.88 8.54
CA ILE A 100 12.73 -35.06 9.76
C ILE A 100 11.93 -35.81 10.82
N GLY A 101 12.50 -35.88 12.01
CA GLY A 101 11.82 -36.48 13.14
C GLY A 101 11.11 -35.41 13.93
N ALA A 102 11.68 -34.21 13.94
CA ALA A 102 11.12 -33.08 14.64
C ALA A 102 11.12 -31.86 13.73
N LEU A 103 9.97 -31.20 13.64
CA LEU A 103 9.82 -29.92 12.97
C LEU A 103 9.65 -28.87 14.05
N VAL A 104 10.57 -27.92 14.11
CA VAL A 104 10.49 -26.81 15.05
C VAL A 104 9.99 -25.58 14.33
N VAL A 105 9.06 -24.87 14.96
CA VAL A 105 8.50 -23.63 14.42
C VAL A 105 8.47 -22.62 15.55
N ASP A 106 9.25 -21.55 15.42
CA ASP A 106 9.30 -20.50 16.42
C ASP A 106 8.52 -19.29 15.93
N GLU A 107 7.99 -18.52 16.89
CA GLU A 107 7.07 -17.43 16.59
C GLU A 107 5.99 -17.87 15.60
N ILE A 108 5.35 -19.00 15.91
CA ILE A 108 4.30 -19.53 15.05
C ILE A 108 3.07 -18.63 15.03
N SER A 109 2.98 -17.69 15.97
CA SER A 109 1.89 -16.73 16.00
C SER A 109 1.66 -16.07 14.63
N MET A 110 2.72 -15.89 13.85
CA MET A 110 2.63 -15.22 12.56
C MET A 110 2.24 -16.14 11.41
N LEU A 111 1.99 -17.43 11.67
CA LEU A 111 1.54 -18.35 10.64
C LEU A 111 0.02 -18.46 10.69
N ASP A 112 -0.61 -18.53 9.52
CA ASP A 112 -2.06 -18.57 9.42
C ASP A 112 -2.56 -20.00 9.29
N ALA A 113 -3.74 -20.24 9.84
CA ALA A 113 -4.33 -21.59 9.90
C ALA A 113 -4.31 -22.28 8.55
N GLU A 114 -4.39 -21.52 7.46
CA GLU A 114 -4.47 -22.12 6.13
C GLU A 114 -3.18 -22.86 5.78
N LEU A 115 -2.03 -22.28 6.11
CA LEU A 115 -0.75 -22.94 5.82
C LEU A 115 -0.53 -24.12 6.76
N LEU A 116 -0.79 -23.92 8.06
CA LEU A 116 -0.69 -25.02 9.01
C LEU A 116 -1.54 -26.21 8.58
N ASP A 117 -2.70 -25.94 7.97
CA ASP A 117 -3.48 -27.01 7.35
C ASP A 117 -2.73 -27.65 6.20
N LYS A 118 -1.98 -26.86 5.44
CA LYS A 118 -1.34 -27.38 4.23
C LYS A 118 -0.14 -28.25 4.58
N LEU A 119 0.79 -27.72 5.38
CA LEU A 119 1.94 -28.51 5.83
C LEU A 119 1.50 -29.84 6.41
N ASP A 120 0.48 -29.81 7.27
CA ASP A 120 -0.12 -31.03 7.80
C ASP A 120 -0.50 -32.00 6.69
N PHE A 121 -1.04 -31.47 5.59
CA PHE A 121 -1.42 -32.35 4.49
C PHE A 121 -0.20 -32.81 3.70
N ILE A 122 0.69 -31.88 3.35
CA ILE A 122 1.88 -32.21 2.56
C ILE A 122 2.65 -33.33 3.23
N ALA A 123 2.74 -33.30 4.56
CA ALA A 123 3.49 -34.32 5.29
C ALA A 123 2.78 -35.67 5.26
N ARG A 124 1.46 -35.67 5.44
CA ARG A 124 0.73 -36.93 5.51
C ARG A 124 0.80 -37.71 4.20
N LYS A 125 0.63 -37.02 3.07
CA LYS A 125 0.67 -37.71 1.78
C LYS A 125 2.10 -38.04 1.35
N ILE A 126 3.10 -37.40 1.93
CA ILE A 126 4.48 -37.74 1.63
C ILE A 126 4.95 -38.90 2.51
N ARG A 127 4.80 -38.76 3.82
CA ARG A 127 5.31 -39.74 4.77
C ARG A 127 4.47 -41.00 4.84
N LYS A 128 3.42 -41.12 4.02
CA LYS A 128 2.54 -42.29 4.00
C LYS A 128 2.05 -42.61 5.41
N ASN A 129 1.33 -41.65 5.98
CA ASN A 129 0.91 -41.75 7.37
C ASN A 129 -0.18 -40.73 7.64
N HIS A 130 -1.21 -41.16 8.37
CA HIS A 130 -2.35 -40.31 8.72
C HIS A 130 -2.12 -39.47 9.97
N GLN A 131 -1.07 -39.76 10.76
CA GLN A 131 -0.84 -39.12 12.06
C GLN A 131 -0.81 -37.60 11.94
N PRO A 132 -1.03 -36.86 13.06
CA PRO A 132 -1.33 -35.42 12.96
C PRO A 132 -0.36 -34.58 12.16
N PHE A 133 0.87 -35.06 11.93
CA PHE A 133 1.71 -34.45 10.91
C PHE A 133 2.51 -35.48 10.12
N GLY A 134 2.03 -36.72 10.02
CA GLY A 134 2.85 -37.79 9.53
C GLY A 134 3.69 -38.44 10.60
N GLY A 135 3.35 -38.23 11.87
CA GLY A 135 4.15 -38.68 12.98
C GLY A 135 5.34 -37.80 13.33
N ILE A 136 5.60 -36.76 12.54
CA ILE A 136 6.65 -35.80 12.89
C ILE A 136 6.35 -35.18 14.24
N GLN A 137 7.26 -35.34 15.18
CA GLN A 137 7.17 -34.60 16.43
C GLN A 137 7.16 -33.11 16.14
N LEU A 138 6.08 -32.44 16.55
CA LEU A 138 6.01 -30.99 16.42
C LEU A 138 6.58 -30.31 17.65
N ILE A 139 7.18 -29.14 17.42
CA ILE A 139 7.48 -28.21 18.51
C ILE A 139 7.10 -26.82 18.01
N PHE A 140 5.96 -26.32 18.47
CA PHE A 140 5.50 -24.98 18.17
C PHE A 140 5.86 -24.09 19.35
N CYS A 141 6.43 -22.92 19.06
CA CYS A 141 6.92 -22.02 20.10
C CYS A 141 6.59 -20.59 19.67
N GLY A 142 5.56 -20.01 20.26
CA GLY A 142 5.24 -18.62 19.98
C GLY A 142 4.52 -17.94 21.11
N ASP A 143 3.81 -16.85 20.80
CA ASP A 143 3.00 -16.11 21.77
C ASP A 143 1.92 -15.41 20.97
N PHE A 144 0.69 -15.91 21.03
CA PHE A 144 -0.38 -15.40 20.18
C PHE A 144 -0.81 -13.97 20.54
N PHE A 145 -0.23 -13.37 21.56
CA PHE A 145 -0.48 -11.96 21.83
C PHE A 145 0.48 -11.05 21.07
N GLN A 146 1.43 -11.63 20.36
CA GLN A 146 2.29 -10.91 19.43
C GLN A 146 1.66 -10.95 18.03
N LEU A 147 2.44 -10.54 17.03
CA LEU A 147 1.90 -10.24 15.71
C LEU A 147 1.14 -11.41 15.11
N PRO A 148 0.01 -11.16 14.47
CA PRO A 148 -0.78 -12.23 13.86
C PRO A 148 -0.37 -12.44 12.41
N PRO A 149 -0.81 -13.53 11.77
CA PRO A 149 -0.39 -13.79 10.39
C PRO A 149 -0.87 -12.72 9.42
N VAL A 150 0.02 -12.36 8.49
CA VAL A 150 -0.26 -11.31 7.51
C VAL A 150 -1.42 -11.71 6.61
N SER A 151 -2.37 -10.80 6.44
CA SER A 151 -3.55 -11.02 5.62
C SER A 151 -3.54 -10.12 4.40
N LYS A 152 -3.90 -10.69 3.25
CA LYS A 152 -4.20 -9.89 2.06
C LYS A 152 -5.24 -10.61 1.19
N PRO A 157 -10.32 -13.17 5.65
CA PRO A 157 -9.75 -12.93 6.98
C PRO A 157 -8.80 -14.03 7.42
N THR A 158 -7.77 -13.68 8.19
CA THR A 158 -6.76 -14.64 8.62
C THR A 158 -7.12 -15.17 10.00
N LYS A 159 -7.51 -16.45 10.04
CA LYS A 159 -7.67 -17.14 11.31
C LYS A 159 -6.31 -17.49 11.90
N PHE A 160 -6.25 -17.53 13.22
CA PHE A 160 -4.98 -17.77 13.90
C PHE A 160 -4.53 -19.20 13.71
N ALA A 161 -3.24 -19.45 14.03
CA ALA A 161 -2.65 -20.76 13.88
C ALA A 161 -3.46 -21.86 14.56
N PHE A 162 -4.17 -21.53 15.64
CA PHE A 162 -4.85 -22.56 16.42
C PHE A 162 -6.28 -22.85 15.93
N GLU A 163 -6.92 -21.89 15.26
CA GLU A 163 -8.25 -22.14 14.69
C GLU A 163 -8.24 -23.28 13.68
N SER A 164 -7.07 -23.67 13.18
CA SER A 164 -6.97 -24.69 12.14
C SER A 164 -7.36 -26.06 12.69
N LYS A 165 -7.95 -26.88 11.82
CA LYS A 165 -8.11 -28.29 12.12
C LYS A 165 -6.75 -28.96 12.30
N ALA A 166 -5.73 -28.52 11.57
CA ALA A 166 -4.41 -29.14 11.66
C ALA A 166 -3.78 -28.92 13.02
N TRP A 167 -3.89 -27.71 13.57
CA TRP A 167 -3.36 -27.44 14.89
C TRP A 167 -4.03 -28.31 15.95
N LYS A 168 -5.34 -28.15 16.11
CA LYS A 168 -6.05 -28.83 17.19
C LYS A 168 -6.05 -30.34 17.03
N GLU A 169 -5.80 -30.85 15.81
CA GLU A 169 -5.47 -32.25 15.65
C GLU A 169 -4.01 -32.52 16.03
N GLY A 170 -3.12 -31.59 15.72
CA GLY A 170 -1.70 -31.81 15.84
C GLY A 170 -1.16 -31.70 17.25
N VAL A 171 -1.39 -30.55 17.88
CA VAL A 171 -0.91 -30.34 19.25
C VAL A 171 -1.49 -31.42 20.15
N LYS A 172 -0.61 -32.20 20.76
CA LYS A 172 -1.00 -33.16 21.79
C LYS A 172 -0.87 -32.58 23.19
N MET A 173 0.16 -31.76 23.40
CA MET A 173 0.51 -31.26 24.72
C MET A 173 0.77 -29.76 24.63
N THR A 174 0.60 -29.07 25.77
CA THR A 174 0.86 -27.64 25.86
C THR A 174 1.53 -27.32 27.20
N ILE A 175 2.28 -26.22 27.21
CA ILE A 175 3.00 -25.70 28.37
C ILE A 175 2.91 -24.18 28.31
N MET A 176 3.28 -23.51 29.41
CA MET A 176 3.12 -22.06 29.52
C MET A 176 4.13 -21.50 30.51
N LEU A 177 5.10 -20.73 30.01
CA LEU A 177 6.14 -20.14 30.85
C LEU A 177 5.64 -18.88 31.53
N GLN A 178 6.29 -18.51 32.65
CA GLN A 178 5.79 -17.34 33.37
C GLN A 178 6.83 -16.25 33.64
N LYS A 179 8.08 -16.60 33.93
CA LYS A 179 9.02 -15.58 34.42
C LYS A 179 9.67 -14.85 33.25
N VAL A 180 9.39 -13.55 33.15
CA VAL A 180 9.91 -12.72 32.06
C VAL A 180 11.35 -12.34 32.40
N PHE A 181 12.29 -12.83 31.61
CA PHE A 181 13.71 -12.66 31.88
C PHE A 181 14.31 -11.42 31.24
N ARG A 182 13.74 -10.94 30.13
CA ARG A 182 14.40 -9.92 29.32
C ARG A 182 14.60 -8.62 30.11
N GLN A 183 13.59 -8.18 30.85
CA GLN A 183 13.64 -6.95 31.63
C GLN A 183 13.79 -7.24 33.12
N ARG A 184 14.57 -8.26 33.45
CA ARG A 184 14.50 -8.87 34.78
C ARG A 184 14.81 -7.89 35.90
N GLY A 185 15.64 -6.87 35.63
CA GLY A 185 16.00 -5.94 36.68
C GLY A 185 14.99 -4.84 36.93
N ASP A 186 13.95 -4.74 36.12
CA ASP A 186 12.95 -3.68 36.20
C ASP A 186 11.59 -4.36 36.42
N VAL A 187 11.24 -4.57 37.69
CA VAL A 187 9.97 -5.24 38.02
C VAL A 187 8.78 -4.35 37.66
N LYS A 188 9.00 -3.04 37.48
CA LYS A 188 7.93 -2.15 37.07
C LYS A 188 7.71 -2.19 35.57
N PHE A 189 8.79 -2.17 34.79
CA PHE A 189 8.67 -2.17 33.33
C PHE A 189 8.06 -3.46 32.82
N ILE A 190 8.42 -4.59 33.42
CA ILE A 190 7.79 -5.86 33.09
C ILE A 190 6.27 -5.76 33.22
N ASP A 191 5.81 -5.27 34.39
CA ASP A 191 4.38 -5.08 34.61
C ASP A 191 3.75 -4.21 33.53
N MET A 192 4.38 -3.08 33.21
CA MET A 192 3.85 -2.18 32.19
C MET A 192 3.65 -2.90 30.87
N LEU A 193 4.54 -3.82 30.53
CA LEU A 193 4.38 -4.57 29.29
C LEU A 193 3.42 -5.74 29.43
N ASN A 194 3.28 -6.28 30.65
CA ASN A 194 2.33 -7.38 30.86
C ASN A 194 0.90 -6.93 30.58
N ARG A 195 0.56 -5.69 30.90
CA ARG A 195 -0.79 -5.21 30.65
C ARG A 195 -0.92 -4.47 29.32
N MET A 196 0.20 -4.05 28.71
CA MET A 196 0.14 -3.65 27.31
C MET A 196 -0.12 -4.85 26.41
N ARG A 197 0.36 -6.03 26.81
CA ARG A 197 0.11 -7.24 26.05
C ARG A 197 -1.37 -7.62 26.07
N LEU A 198 -2.08 -7.32 27.16
CA LEU A 198 -3.43 -7.81 27.36
C LEU A 198 -4.52 -6.80 27.00
N GLY A 199 -4.24 -5.50 27.11
CA GLY A 199 -5.22 -4.51 26.66
C GLY A 199 -5.57 -3.45 27.68
N ASN A 200 -4.91 -3.47 28.84
CA ASN A 200 -5.20 -2.54 29.92
C ASN A 200 -4.02 -1.59 30.13
N ILE A 201 -4.31 -0.29 30.18
CA ILE A 201 -3.30 0.74 30.41
C ILE A 201 -3.92 1.82 31.29
N ASP A 202 -3.23 2.16 32.39
CA ASP A 202 -3.66 3.21 33.30
C ASP A 202 -2.85 4.48 33.05
N ASP A 203 -3.05 5.49 33.91
CA ASP A 203 -2.32 6.74 33.76
C ASP A 203 -0.84 6.57 34.06
N GLU A 204 -0.50 5.86 35.13
CA GLU A 204 0.90 5.70 35.49
C GLU A 204 1.68 4.96 34.41
N THR A 205 1.04 4.00 33.73
CA THR A 205 1.63 3.41 32.54
C THR A 205 1.81 4.46 31.45
N GLU A 206 0.72 5.13 31.08
CA GLU A 206 0.74 6.12 30.01
C GLU A 206 1.82 7.18 30.25
N ARG A 207 1.83 7.80 31.42
CA ARG A 207 2.82 8.85 31.69
C ARG A 207 4.23 8.30 31.63
N GLU A 208 4.47 7.10 32.17
CA GLU A 208 5.81 6.54 32.16
C GLU A 208 6.27 6.25 30.74
N PHE A 209 5.40 5.66 29.91
CA PHE A 209 5.75 5.43 28.52
C PHE A 209 5.95 6.74 27.76
N LYS A 210 5.06 7.71 27.97
CA LYS A 210 5.22 9.01 27.31
C LYS A 210 6.40 9.81 27.85
N LYS A 211 6.97 9.41 28.99
CA LYS A 211 8.24 9.99 29.43
C LYS A 211 9.43 9.42 28.68
N LEU A 212 9.30 8.22 28.10
CA LEU A 212 10.40 7.56 27.43
C LEU A 212 10.79 8.24 26.12
N SER A 213 9.94 9.13 25.59
CA SER A 213 10.28 9.85 24.36
C SER A 213 11.49 10.75 24.51
N ARG A 214 12.01 10.91 25.72
CA ARG A 214 13.27 11.63 25.90
C ARG A 214 14.36 10.95 25.09
N PRO A 215 15.19 11.72 24.37
CA PRO A 215 16.19 11.11 23.48
C PRO A 215 17.09 10.10 24.20
N LEU A 216 17.62 9.17 23.42
CA LEU A 216 18.43 8.09 23.95
C LEU A 216 19.85 8.57 24.18
N PRO A 217 20.66 7.80 24.93
CA PRO A 217 22.07 8.15 25.10
C PRO A 217 22.76 8.49 23.78
N ASP A 218 23.75 9.37 23.87
CA ASP A 218 24.42 9.96 22.71
C ASP A 218 25.84 9.43 22.57
N ASP A 219 26.03 8.15 22.86
CA ASP A 219 27.33 7.51 22.82
C ASP A 219 27.60 6.96 21.41
N GLU A 220 28.66 6.16 21.28
CA GLU A 220 29.09 5.65 19.99
C GLU A 220 28.49 4.28 19.66
N ILE A 221 27.37 3.92 20.27
CA ILE A 221 26.66 2.69 19.93
C ILE A 221 25.34 3.07 19.26
N ILE A 222 25.20 2.66 18.00
CA ILE A 222 24.05 3.00 17.18
C ILE A 222 22.80 2.31 17.70
N PRO A 223 21.81 3.05 18.21
CA PRO A 223 20.59 2.41 18.71
C PRO A 223 19.75 1.83 17.58
N ALA A 224 19.09 0.72 17.89
CA ALA A 224 18.18 0.11 16.93
C ALA A 224 16.85 0.86 16.91
N GLU A 225 16.19 0.84 15.76
CA GLU A 225 14.97 1.60 15.55
C GLU A 225 13.92 0.67 14.96
N LEU A 226 12.70 0.75 15.48
CA LEU A 226 11.62 -0.16 15.11
C LEU A 226 10.42 0.64 14.64
N TYR A 227 10.23 0.69 13.32
CA TYR A 227 9.07 1.31 12.71
C TYR A 227 8.18 0.24 12.07
N SER A 228 6.90 0.56 11.96
CA SER A 228 5.91 -0.43 11.52
C SER A 228 5.83 -0.57 10.00
N THR A 229 6.54 0.25 9.22
CA THR A 229 6.39 0.26 7.78
C THR A 229 7.77 0.21 7.12
N ARG A 230 7.76 -0.20 5.85
CA ARG A 230 9.01 -0.31 5.10
C ARG A 230 9.61 1.07 4.81
N MET A 231 8.76 2.05 4.51
CA MET A 231 9.26 3.37 4.12
C MET A 231 9.62 4.23 5.32
N GLU A 232 9.23 3.84 6.53
CA GLU A 232 9.83 4.40 7.73
C GLU A 232 11.18 3.74 8.00
N VAL A 233 11.20 2.41 8.01
CA VAL A 233 12.41 1.64 8.26
C VAL A 233 13.53 2.09 7.32
N GLU A 234 13.18 2.45 6.09
CA GLU A 234 14.19 2.94 5.15
C GLU A 234 14.59 4.38 5.44
N ARG A 235 13.61 5.21 5.85
CA ARG A 235 13.94 6.57 6.25
C ARG A 235 14.93 6.58 7.41
N ALA A 236 14.77 5.64 8.34
CA ALA A 236 15.68 5.58 9.49
C ALA A 236 16.99 4.88 9.14
N ASN A 237 16.93 3.84 8.32
CA ASN A 237 18.15 3.17 7.89
C ASN A 237 19.07 4.09 7.09
N ASN A 238 18.52 5.16 6.52
CA ASN A 238 19.33 6.14 5.81
C ASN A 238 19.52 7.44 6.60
N SER A 239 18.54 7.84 7.41
CA SER A 239 18.79 8.87 8.42
C SER A 239 20.02 8.53 9.24
N ARG A 240 20.25 7.24 9.50
CA ARG A 240 21.39 6.79 10.28
C ARG A 240 22.62 6.54 9.42
N LEU A 241 22.44 6.00 8.21
CA LEU A 241 23.59 5.70 7.37
C LEU A 241 24.32 6.97 6.95
N SER A 242 23.58 8.02 6.60
CA SER A 242 24.20 9.28 6.18
C SER A 242 24.76 10.07 7.36
N LYS A 243 24.79 9.46 8.54
CA LYS A 243 25.53 9.98 9.69
C LYS A 243 26.82 9.23 9.93
N LEU A 244 27.04 8.12 9.22
CA LEU A 244 28.22 7.29 9.40
C LEU A 244 29.41 7.91 8.71
N PRO A 245 30.57 8.00 9.36
CA PRO A 245 31.77 8.51 8.68
C PRO A 245 32.32 7.47 7.71
N GLY A 246 32.75 7.94 6.55
CA GLY A 246 33.27 7.06 5.52
C GLY A 246 32.63 7.30 4.16
N GLN A 247 33.30 6.83 3.10
CA GLN A 247 32.83 7.09 1.75
C GLN A 247 31.68 6.16 1.38
N VAL A 248 30.62 6.74 0.81
CA VAL A 248 29.49 5.96 0.34
C VAL A 248 29.88 5.09 -0.84
N HIS A 249 29.05 4.10 -1.13
CA HIS A 249 29.11 3.32 -2.37
C HIS A 249 27.68 3.17 -2.89
N ILE A 250 27.40 3.81 -4.03
CA ILE A 250 26.10 3.67 -4.68
C ILE A 250 26.03 2.30 -5.34
N PHE A 251 24.81 1.77 -5.48
CA PHE A 251 24.59 0.48 -6.12
C PHE A 251 23.29 0.58 -6.90
N ASN A 252 23.40 0.76 -8.22
CA ASN A 252 22.25 0.97 -9.09
C ASN A 252 21.78 -0.35 -9.67
N ALA A 253 20.49 -0.63 -9.51
CA ALA A 253 19.91 -1.91 -9.90
C ALA A 253 19.48 -1.90 -11.37
N ILE A 254 20.01 -2.86 -12.14
CA ILE A 254 19.51 -3.09 -13.49
C ILE A 254 18.06 -3.55 -13.43
N ASP A 255 17.24 -3.08 -14.37
CA ASP A 255 15.80 -3.34 -14.36
C ASP A 255 15.32 -3.82 -15.72
N GLY A 256 14.13 -4.42 -15.71
CA GLY A 256 13.46 -4.79 -16.94
C GLY A 256 12.14 -5.47 -16.64
N GLY A 257 11.63 -6.20 -17.64
CA GLY A 257 11.94 -5.94 -19.03
C GLY A 257 10.78 -5.59 -19.96
N ALA A 258 9.58 -6.13 -19.69
CA ALA A 258 8.55 -6.15 -20.73
C ALA A 258 7.14 -5.79 -20.26
N LEU A 259 6.95 -5.22 -19.07
CA LEU A 259 5.59 -4.92 -18.61
C LEU A 259 5.23 -3.47 -18.91
N GLU A 260 3.93 -3.20 -19.03
CA GLU A 260 3.43 -1.89 -19.45
C GLU A 260 3.01 -1.02 -18.28
N ASP A 261 2.16 -1.52 -17.37
CA ASP A 261 1.76 -0.74 -16.22
C ASP A 261 2.98 -0.52 -15.32
N GLU A 262 3.49 0.71 -15.29
CA GLU A 262 4.70 0.99 -14.52
C GLU A 262 4.42 1.25 -13.05
N GLU A 263 3.17 1.49 -12.68
CA GLU A 263 2.84 1.65 -11.26
C GLU A 263 3.01 0.34 -10.51
N LEU A 264 2.46 -0.75 -11.05
CA LEU A 264 2.72 -2.07 -10.47
C LEU A 264 4.18 -2.46 -10.64
N LYS A 265 4.80 -2.06 -11.75
CA LYS A 265 6.22 -2.32 -11.94
C LYS A 265 7.00 -1.85 -10.73
N GLU A 266 6.84 -0.58 -10.37
CA GLU A 266 7.47 -0.04 -9.16
C GLU A 266 7.09 -0.86 -7.93
N ARG A 267 5.80 -1.14 -7.74
CA ARG A 267 5.38 -1.89 -6.57
C ARG A 267 5.91 -3.32 -6.62
N LEU A 268 5.93 -3.93 -7.80
CA LEU A 268 6.63 -5.22 -7.95
C LEU A 268 8.11 -5.07 -7.59
N LEU A 269 8.70 -3.93 -7.93
CA LEU A 269 10.12 -3.71 -7.67
C LEU A 269 10.43 -3.45 -6.21
N GLN A 270 9.43 -3.35 -5.34
CA GLN A 270 9.69 -3.19 -3.91
C GLN A 270 9.69 -4.53 -3.17
N ASN A 271 8.59 -5.28 -3.26
CA ASN A 271 8.44 -6.52 -2.50
C ASN A 271 9.51 -7.56 -2.84
N PHE A 272 10.31 -7.31 -3.87
CA PHE A 272 11.52 -8.09 -4.09
C PHE A 272 12.50 -7.97 -2.92
N LEU A 273 12.23 -7.08 -1.97
CA LEU A 273 13.06 -6.73 -0.81
C LEU A 273 14.34 -6.03 -1.22
N ALA A 274 14.53 -5.73 -2.51
CA ALA A 274 15.70 -5.06 -3.06
C ALA A 274 15.38 -3.62 -3.40
N PRO A 275 16.28 -2.70 -3.07
CA PRO A 275 16.04 -1.28 -3.37
C PRO A 275 16.61 -0.89 -4.74
N LYS A 276 15.98 0.13 -5.33
CA LYS A 276 16.51 0.69 -6.57
C LYS A 276 17.88 1.31 -6.35
N GLU A 277 18.12 1.86 -5.15
CA GLU A 277 19.37 2.53 -4.83
C GLU A 277 19.85 2.01 -3.48
N LEU A 278 20.79 1.07 -3.51
CA LEU A 278 21.39 0.53 -2.29
C LEU A 278 22.65 1.34 -1.99
N HIS A 279 22.57 2.18 -0.96
CA HIS A 279 23.72 2.97 -0.52
C HIS A 279 24.33 2.31 0.70
N LEU A 280 25.64 2.10 0.67
CA LEU A 280 26.33 1.33 1.69
C LEU A 280 27.70 1.92 1.95
N LYS A 281 27.97 2.24 3.22
CA LYS A 281 29.29 2.68 3.65
C LYS A 281 30.06 1.50 4.23
N VAL A 282 31.28 1.77 4.67
CA VAL A 282 32.05 0.80 5.44
C VAL A 282 31.54 0.80 6.87
N GLY A 283 30.98 -0.33 7.30
CA GLY A 283 30.46 -0.48 8.64
C GLY A 283 28.96 -0.40 8.78
N ALA A 284 28.20 -0.79 7.76
CA ALA A 284 26.75 -0.77 7.80
C ALA A 284 26.21 -2.14 8.22
N GLN A 285 25.19 -2.13 9.07
CA GLN A 285 24.50 -3.36 9.45
C GLN A 285 23.54 -3.76 8.34
N VAL A 286 23.77 -4.92 7.74
CA VAL A 286 22.97 -5.37 6.60
C VAL A 286 22.26 -6.67 6.96
N MET A 287 21.45 -7.18 6.03
CA MET A 287 20.67 -8.38 6.28
C MET A 287 20.32 -9.02 4.95
N MET A 288 20.85 -10.23 4.70
CA MET A 288 20.50 -11.00 3.52
C MET A 288 18.99 -11.12 3.41
N VAL A 289 18.49 -11.17 2.16
CA VAL A 289 17.05 -11.11 1.95
C VAL A 289 16.58 -12.26 1.05
N LYS A 290 17.51 -12.94 0.39
CA LYS A 290 17.20 -14.15 -0.35
C LYS A 290 17.95 -15.32 0.24
N ASN A 291 17.32 -16.50 0.20
CA ASN A 291 17.93 -17.72 0.72
C ASN A 291 19.00 -18.19 -0.28
N LEU A 292 20.25 -17.87 0.01
CA LEU A 292 21.34 -18.21 -0.89
C LEU A 292 21.86 -19.63 -0.66
N ASP A 293 22.18 -19.98 0.59
CA ASP A 293 22.68 -21.31 0.89
C ASP A 293 22.25 -21.69 2.31
N ALA A 294 22.89 -22.73 2.85
CA ALA A 294 22.42 -23.34 4.10
C ALA A 294 22.67 -22.45 5.31
N THR A 295 23.66 -21.56 5.26
CA THR A 295 23.97 -20.72 6.41
C THR A 295 23.95 -19.23 6.10
N LEU A 296 23.74 -18.84 4.84
CA LEU A 296 23.53 -17.46 4.45
C LEU A 296 22.11 -17.39 3.90
N VAL A 297 21.18 -16.88 4.70
CA VAL A 297 19.75 -16.99 4.43
C VAL A 297 19.08 -15.65 4.70
N ASN A 298 17.82 -15.57 4.30
CA ASN A 298 16.94 -14.46 4.68
C ASN A 298 17.00 -14.24 6.19
N GLY A 299 17.47 -13.06 6.58
CA GLY A 299 17.51 -12.69 7.99
C GLY A 299 18.89 -12.66 8.61
N SER A 300 19.96 -12.84 7.84
CA SER A 300 21.30 -12.91 8.40
C SER A 300 21.83 -11.50 8.62
N LEU A 301 21.78 -11.04 9.87
CA LEU A 301 22.42 -9.78 10.21
C LEU A 301 23.92 -9.84 9.92
N GLY A 302 24.53 -8.67 9.82
CA GLY A 302 25.95 -8.61 9.54
C GLY A 302 26.44 -7.18 9.49
N LYS A 303 27.64 -7.03 8.93
CA LYS A 303 28.27 -5.72 8.85
C LYS A 303 29.17 -5.70 7.62
N VAL A 304 29.31 -4.52 7.01
CA VAL A 304 30.13 -4.37 5.82
C VAL A 304 31.54 -4.00 6.25
N ILE A 305 32.53 -4.56 5.57
CA ILE A 305 33.92 -4.52 6.00
C ILE A 305 34.76 -3.62 5.09
N GLU A 306 34.65 -3.81 3.78
CA GLU A 306 35.25 -2.94 2.78
C GLU A 306 34.76 -3.40 1.42
N PHE A 307 35.16 -2.68 0.37
CA PHE A 307 34.59 -2.84 -0.96
C PHE A 307 35.71 -3.19 -1.94
N MET A 308 35.76 -4.45 -2.35
CA MET A 308 36.80 -4.97 -3.25
C MET A 308 36.18 -5.72 -4.41
N ASP A 309 36.93 -5.80 -5.51
CA ASP A 309 36.55 -6.56 -6.70
C ASP A 309 37.04 -8.00 -6.58
N PRO A 310 36.52 -8.91 -7.41
CA PRO A 310 36.83 -10.34 -7.19
C PRO A 310 38.31 -10.70 -7.32
N GLU A 311 39.07 -10.01 -8.17
CA GLU A 311 40.51 -10.21 -8.19
C GLU A 311 41.12 -9.86 -6.84
N THR A 312 40.80 -8.68 -6.32
CA THR A 312 41.32 -8.24 -5.04
C THR A 312 40.94 -9.21 -3.92
N TYR A 313 39.64 -9.46 -3.75
CA TYR A 313 39.18 -10.31 -2.65
C TYR A 313 39.77 -11.71 -2.70
N PHE A 314 40.26 -12.16 -3.86
CA PHE A 314 40.88 -13.47 -3.89
C PHE A 314 42.21 -13.47 -3.15
N CYS A 315 42.92 -12.34 -3.14
CA CYS A 315 44.10 -12.20 -2.29
C CYS A 315 43.71 -12.13 -0.82
N TYR A 316 42.81 -11.20 -0.47
CA TYR A 316 42.39 -11.03 0.92
C TYR A 316 41.84 -12.32 1.51
N GLU A 317 41.21 -13.18 0.70
CA GLU A 317 40.68 -14.42 1.21
C GLU A 317 41.79 -15.40 1.54
N ALA A 318 42.67 -15.68 0.58
CA ALA A 318 43.86 -16.47 0.85
C ALA A 318 44.68 -15.87 1.99
N LEU A 319 44.72 -14.54 2.09
CA LEU A 319 45.49 -13.91 3.15
C LEU A 319 44.86 -14.11 4.53
N THR A 320 43.57 -14.45 4.59
CA THR A 320 42.98 -14.81 5.87
C THR A 320 43.30 -16.24 6.26
N ASN A 321 43.58 -17.09 5.28
CA ASN A 321 43.85 -18.50 5.54
C ASN A 321 45.31 -18.77 5.88
N ASP A 322 46.19 -17.79 5.71
CA ASP A 322 47.58 -17.92 6.13
C ASP A 322 48.20 -16.55 6.33
N PRO A 323 48.09 -15.95 7.51
CA PRO A 323 48.89 -14.74 7.81
C PRO A 323 50.36 -15.05 8.07
N SER A 324 50.77 -16.31 7.97
CA SER A 324 52.17 -16.72 8.01
C SER A 324 52.61 -17.23 6.64
N MET A 325 52.11 -16.60 5.59
CA MET A 325 52.25 -16.83 4.15
C MET A 325 53.48 -16.13 3.61
N PRO A 326 54.27 -16.81 2.79
CA PRO A 326 55.37 -16.14 2.09
C PRO A 326 54.82 -15.10 1.15
N PRO A 327 55.16 -13.82 1.34
CA PRO A 327 54.62 -12.74 0.50
C PRO A 327 55.21 -12.66 -0.89
N GLU A 328 56.06 -13.62 -1.30
CA GLU A 328 56.60 -13.65 -2.65
C GLU A 328 55.54 -14.04 -3.68
N LYS A 329 54.35 -14.43 -3.22
CA LYS A 329 53.24 -14.79 -4.09
C LYS A 329 52.16 -13.72 -4.13
N LEU A 330 51.95 -13.00 -3.03
CA LEU A 330 51.17 -11.77 -3.11
C LEU A 330 51.89 -10.71 -3.92
N GLU A 331 53.23 -10.72 -3.88
CA GLU A 331 54.01 -9.84 -4.74
C GLU A 331 53.99 -10.28 -6.19
N THR A 332 53.76 -11.57 -6.44
CA THR A 332 53.59 -12.05 -7.82
C THR A 332 52.23 -11.67 -8.38
N TRP A 333 51.26 -11.37 -7.51
CA TRP A 333 49.95 -10.88 -7.93
C TRP A 333 49.85 -9.37 -7.91
N ALA A 334 50.72 -8.68 -7.16
CA ALA A 334 50.70 -7.23 -7.05
C ALA A 334 51.71 -6.55 -7.96
N GLU A 335 52.43 -7.32 -8.76
CA GLU A 335 53.28 -6.79 -9.82
C GLU A 335 52.96 -7.39 -11.17
N ASN A 336 52.14 -8.44 -11.20
CA ASN A 336 51.68 -9.04 -12.46
C ASN A 336 50.31 -9.63 -12.19
N PRO A 337 49.24 -8.84 -12.34
CA PRO A 337 47.89 -9.35 -12.08
C PRO A 337 47.31 -10.20 -13.18
N SER A 338 48.08 -10.52 -14.22
CA SER A 338 47.69 -11.58 -15.14
C SER A 338 47.72 -12.93 -14.44
N LYS A 339 48.76 -13.18 -13.65
CA LYS A 339 48.86 -14.38 -12.84
C LYS A 339 47.84 -14.42 -11.71
N LEU A 340 47.16 -13.31 -11.44
CA LEU A 340 46.15 -13.27 -10.39
C LEU A 340 44.92 -14.07 -10.78
N LYS A 341 44.32 -13.74 -11.93
CA LYS A 341 43.25 -14.57 -12.48
C LYS A 341 43.67 -16.03 -12.62
N ALA A 342 44.97 -16.27 -12.85
CA ALA A 342 45.48 -17.62 -13.08
C ALA A 342 45.34 -18.52 -11.86
N ALA A 343 45.03 -17.98 -10.69
CA ALA A 343 44.74 -18.79 -9.51
C ALA A 343 43.30 -18.69 -9.05
N MET A 344 42.55 -17.69 -9.51
CA MET A 344 41.16 -17.55 -9.11
C MET A 344 40.25 -18.52 -9.86
N GLU A 345 40.55 -18.78 -11.12
CA GLU A 345 39.68 -19.62 -11.95
C GLU A 345 39.73 -21.09 -11.53
N ARG A 346 40.89 -21.55 -11.05
CA ARG A 346 41.09 -22.96 -10.76
C ARG A 346 40.18 -23.45 -9.63
N GLU A 347 39.65 -22.55 -8.81
CA GLU A 347 38.83 -22.92 -7.67
C GLU A 347 37.34 -22.92 -7.95
N GLN A 348 36.90 -22.27 -9.03
CA GLN A 348 35.47 -22.20 -9.32
C GLN A 348 34.98 -23.43 -10.07
N SER A 354 24.82 -23.04 -16.79
CA SER A 354 23.69 -23.29 -17.68
C SER A 354 23.91 -22.59 -19.02
N ALA A 355 22.81 -22.27 -19.70
CA ALA A 355 22.87 -21.45 -20.91
C ALA A 355 21.80 -20.36 -20.93
N VAL A 356 20.92 -20.31 -19.94
CA VAL A 356 20.15 -19.12 -19.66
C VAL A 356 20.81 -18.32 -18.54
N ALA A 357 21.67 -18.96 -17.74
CA ALA A 357 22.49 -18.23 -16.78
C ALA A 357 23.58 -17.42 -17.46
N SER A 358 23.96 -17.79 -18.69
CA SER A 358 24.91 -17.01 -19.48
C SER A 358 24.24 -15.85 -20.20
N ARG A 359 22.92 -15.75 -20.15
CA ARG A 359 22.20 -14.57 -20.59
C ARG A 359 21.69 -13.75 -19.40
N LYS A 360 22.19 -14.04 -18.20
CA LYS A 360 21.99 -13.19 -17.04
C LYS A 360 23.28 -12.84 -16.32
N SER A 361 24.35 -13.62 -16.51
CA SER A 361 25.69 -13.15 -16.15
C SER A 361 26.01 -11.83 -16.85
N SER A 362 25.91 -11.81 -18.19
CA SER A 362 26.15 -10.61 -18.97
C SER A 362 25.08 -9.54 -18.75
N VAL A 363 24.04 -9.82 -17.97
CA VAL A 363 23.17 -8.78 -17.44
C VAL A 363 23.64 -8.34 -16.06
N LYS A 364 24.01 -9.30 -15.22
CA LYS A 364 24.65 -8.99 -13.95
C LYS A 364 26.04 -8.39 -14.15
N GLU A 365 26.67 -8.65 -15.31
CA GLU A 365 27.99 -8.09 -15.59
C GLU A 365 27.97 -6.57 -15.61
N GLY A 366 26.86 -5.97 -16.06
CA GLY A 366 26.76 -4.53 -16.12
C GLY A 366 26.50 -3.86 -14.79
N PHE A 367 25.99 -4.60 -13.81
CA PHE A 367 25.71 -4.07 -12.49
C PHE A 367 26.95 -3.42 -11.88
N ALA A 368 26.79 -2.22 -11.33
CA ALA A 368 27.86 -1.49 -10.66
C ALA A 368 29.05 -1.26 -11.62
N LYS A 369 28.78 -0.48 -12.68
CA LYS A 369 29.76 -0.24 -13.73
C LYS A 369 31.11 0.19 -13.17
N SER A 370 32.16 -0.13 -13.91
CA SER A 370 33.52 0.18 -13.49
C SER A 370 33.79 1.68 -13.59
N ASP A 371 34.37 2.25 -12.54
CA ASP A 371 34.64 3.68 -12.45
C ASP A 371 36.08 3.95 -12.85
N ILE A 372 36.34 3.91 -14.16
CA ILE A 372 37.68 4.15 -14.68
C ILE A 372 38.12 5.60 -14.55
N GLY A 373 37.19 6.52 -14.27
CA GLY A 373 37.54 7.91 -14.13
C GLY A 373 37.61 8.38 -12.68
N GLU A 374 36.96 7.65 -11.79
CA GLU A 374 37.00 7.94 -10.36
C GLU A 374 38.14 7.17 -9.69
N PRO A 375 38.80 7.75 -8.71
CA PRO A 375 39.95 7.09 -8.08
C PRO A 375 39.51 6.08 -7.03
N VAL A 376 40.43 5.18 -6.71
CA VAL A 376 40.19 4.09 -5.77
C VAL A 376 40.83 4.44 -4.43
N SER A 377 40.00 4.74 -3.44
CA SER A 377 40.49 5.03 -2.10
C SER A 377 41.13 3.78 -1.49
N PRO A 378 42.00 3.96 -0.50
CA PRO A 378 42.63 2.79 0.14
C PRO A 378 41.67 2.05 1.06
N LEU A 379 42.02 0.80 1.33
CA LEU A 379 41.24 -0.02 2.26
C LEU A 379 41.42 0.49 3.69
N ASP A 380 40.41 0.23 4.51
CA ASP A 380 40.39 0.74 5.88
C ASP A 380 41.45 0.05 6.73
N SER A 381 41.69 0.63 7.92
CA SER A 381 42.57 0.01 8.90
C SER A 381 41.99 -1.32 9.37
N SER A 382 40.72 -1.31 9.81
CA SER A 382 40.08 -2.47 10.41
C SER A 382 40.04 -3.69 9.49
N VAL A 383 40.36 -3.55 8.21
CA VAL A 383 40.31 -4.71 7.32
C VAL A 383 41.54 -5.59 7.51
N PHE A 384 42.66 -5.01 7.95
CA PHE A 384 43.88 -5.76 8.22
C PHE A 384 44.13 -5.96 9.70
N ASP A 385 43.14 -5.65 10.54
CA ASP A 385 43.29 -5.89 11.98
C ASP A 385 43.48 -7.36 12.28
N PHE A 386 42.92 -8.25 11.45
CA PHE A 386 43.02 -9.69 11.70
C PHE A 386 44.47 -10.15 11.78
N MET A 387 45.37 -9.52 11.01
CA MET A 387 46.78 -9.90 11.03
C MET A 387 47.49 -9.43 12.29
N LYS A 388 47.04 -8.33 12.88
CA LYS A 388 47.79 -7.65 13.94
C LYS A 388 47.57 -8.31 15.30
N ARG A 389 47.81 -9.61 15.41
CA ARG A 389 47.63 -10.31 16.67
C ARG A 389 48.92 -11.03 17.08
N VAL A 396 57.68 -9.30 17.91
CA VAL A 396 58.85 -9.98 17.34
C VAL A 396 59.25 -9.31 16.02
N VAL A 397 60.35 -8.54 16.08
CA VAL A 397 60.69 -7.60 15.02
C VAL A 397 61.02 -8.28 13.69
N LEU A 398 61.33 -9.58 13.69
CA LEU A 398 61.65 -10.26 12.44
C LEU A 398 60.44 -10.86 11.76
N GLU A 399 59.29 -10.92 12.44
CA GLU A 399 58.08 -11.43 11.86
C GLU A 399 57.20 -10.34 11.27
N ASN A 400 57.64 -9.09 11.33
CA ASN A 400 56.93 -7.98 10.67
C ASN A 400 57.21 -8.02 9.17
N ILE A 401 56.62 -9.03 8.54
CA ILE A 401 56.74 -9.31 7.11
C ILE A 401 55.66 -8.49 6.40
N LYS A 402 55.00 -7.60 7.15
CA LYS A 402 53.82 -6.88 6.67
C LYS A 402 54.22 -5.77 5.71
N ARG A 403 54.86 -6.19 4.62
CA ARG A 403 54.59 -5.55 3.34
C ARG A 403 53.32 -6.12 2.73
N LYS A 404 52.60 -6.96 3.48
CA LYS A 404 51.39 -7.59 2.98
C LYS A 404 50.28 -6.57 2.79
N GLU A 405 50.05 -5.73 3.80
CA GLU A 405 49.02 -4.70 3.67
C GLU A 405 49.38 -3.71 2.55
N GLN A 406 50.66 -3.37 2.43
CA GLN A 406 51.08 -2.51 1.33
C GLN A 406 51.00 -3.25 0.00
N LEU A 407 51.20 -4.58 0.02
CA LEU A 407 50.88 -5.38 -1.16
C LEU A 407 49.39 -5.39 -1.43
N MET A 408 48.59 -5.71 -0.40
CA MET A 408 47.15 -5.78 -0.56
C MET A 408 46.56 -4.44 -1.01
N GLN A 409 47.07 -3.34 -0.45
CA GLN A 409 46.56 -2.03 -0.87
C GLN A 409 47.01 -1.67 -2.27
N THR A 410 48.20 -2.16 -2.68
CA THR A 410 48.62 -2.01 -4.07
C THR A 410 47.68 -2.76 -5.00
N ILE A 411 47.35 -4.01 -4.66
CA ILE A 411 46.39 -4.79 -5.45
C ILE A 411 45.05 -4.06 -5.53
N HIS A 412 44.71 -3.28 -4.52
CA HIS A 412 43.46 -2.53 -4.56
C HIS A 412 43.57 -1.34 -5.52
N GLN A 413 44.71 -0.64 -5.51
CA GLN A 413 44.93 0.47 -6.42
C GLN A 413 45.03 0.03 -7.88
N ASN A 414 45.00 -1.27 -8.16
CA ASN A 414 44.95 -1.80 -9.51
C ASN A 414 43.52 -2.14 -9.94
N SER A 415 42.54 -1.85 -9.09
CA SER A 415 41.16 -2.19 -9.38
C SER A 415 40.27 -0.97 -9.52
N ALA A 416 40.85 0.22 -9.65
CA ALA A 416 40.09 1.34 -10.19
C ALA A 416 39.63 1.00 -11.60
N GLY A 417 38.44 1.47 -11.95
CA GLY A 417 37.86 1.00 -13.19
C GLY A 417 37.52 -0.48 -13.18
N LYS A 418 37.09 -1.01 -12.03
CA LYS A 418 36.62 -2.37 -11.88
C LYS A 418 35.56 -2.37 -10.79
N ARG A 419 34.54 -3.20 -10.96
CA ARG A 419 33.40 -3.21 -10.05
C ARG A 419 33.80 -3.73 -8.68
N ARG A 420 33.63 -2.90 -7.66
CA ARG A 420 33.91 -3.28 -6.28
C ARG A 420 32.59 -3.59 -5.56
N LEU A 421 32.55 -4.74 -4.89
CA LEU A 421 31.36 -5.23 -4.21
C LEU A 421 31.56 -5.22 -2.70
N PRO A 422 30.46 -5.30 -1.93
CA PRO A 422 30.59 -5.29 -0.46
C PRO A 422 31.09 -6.63 0.07
N LEU A 423 32.17 -6.57 0.87
CA LEU A 423 32.64 -7.70 1.66
C LEU A 423 31.98 -7.62 3.04
N VAL A 424 31.11 -8.59 3.34
CA VAL A 424 30.25 -8.52 4.52
C VAL A 424 30.68 -9.58 5.53
N ARG A 425 30.88 -9.15 6.78
CA ARG A 425 30.98 -10.07 7.91
C ARG A 425 29.58 -10.42 8.39
N PHE A 426 29.19 -11.68 8.23
CA PHE A 426 27.90 -12.17 8.70
C PHE A 426 28.06 -12.88 10.04
N LYS A 427 27.00 -12.88 10.84
CA LYS A 427 27.03 -13.43 12.18
C LYS A 427 25.80 -14.29 12.42
N ALA A 428 26.02 -15.53 12.86
CA ALA A 428 24.95 -16.46 13.17
C ALA A 428 24.57 -16.35 14.65
N SER A 429 23.51 -17.07 15.02
CA SER A 429 23.06 -17.06 16.41
C SER A 429 23.88 -17.96 17.32
N ASP A 430 24.82 -18.73 16.77
CA ASP A 430 25.83 -19.41 17.56
C ASP A 430 27.14 -18.64 17.60
N MET A 431 27.08 -17.33 17.33
CA MET A 431 28.15 -16.35 17.54
C MET A 431 29.35 -16.53 16.61
N SER A 432 29.27 -17.40 15.61
CA SER A 432 30.37 -17.54 14.66
C SER A 432 30.14 -16.60 13.47
N THR A 433 31.25 -16.16 12.86
CA THR A 433 31.24 -15.20 11.77
C THR A 433 31.54 -15.88 10.44
N ARG A 434 31.28 -15.15 9.36
CA ARG A 434 31.53 -15.64 8.01
C ARG A 434 31.61 -14.46 7.06
N MET A 435 32.76 -14.28 6.41
CA MET A 435 32.91 -13.24 5.39
C MET A 435 32.44 -13.74 4.03
N VAL A 436 31.78 -12.85 3.29
CA VAL A 436 31.36 -13.13 1.92
C VAL A 436 31.37 -11.82 1.13
N LEU A 437 31.83 -11.89 -0.11
CA LEU A 437 31.74 -10.78 -1.04
C LEU A 437 30.43 -10.93 -1.80
N VAL A 438 29.52 -9.98 -1.61
CA VAL A 438 28.12 -10.16 -2.00
C VAL A 438 27.96 -9.87 -3.48
N GLU A 439 27.60 -10.89 -4.24
CA GLU A 439 27.28 -10.78 -5.66
C GLU A 439 25.83 -10.32 -5.84
N PRO A 440 25.54 -9.61 -6.92
CA PRO A 440 24.14 -9.30 -7.22
C PRO A 440 23.32 -10.57 -7.40
N GLU A 441 22.03 -10.46 -7.16
CA GLU A 441 21.07 -11.50 -7.48
C GLU A 441 20.01 -10.90 -8.40
N ASP A 442 19.05 -11.74 -8.81
CA ASP A 442 18.03 -11.31 -9.75
C ASP A 442 16.66 -11.66 -9.22
N TRP A 443 15.74 -10.70 -9.35
CA TRP A 443 14.34 -10.89 -8.99
C TRP A 443 13.50 -10.70 -10.24
N ALA A 444 12.80 -11.75 -10.63
CA ALA A 444 11.95 -11.71 -11.81
C ALA A 444 10.55 -12.17 -11.46
N ILE A 445 9.58 -11.71 -12.24
CA ILE A 445 8.21 -12.18 -12.18
C ILE A 445 7.75 -12.38 -13.62
N GLU A 446 7.31 -13.60 -13.94
CA GLU A 446 7.34 -14.08 -15.31
C GLU A 446 6.11 -14.95 -15.54
N ASP A 447 6.12 -15.69 -16.65
CA ASP A 447 4.98 -16.48 -17.10
C ASP A 447 5.52 -17.81 -17.62
N GLU A 448 4.64 -18.55 -18.29
CA GLU A 448 4.98 -19.92 -18.69
C GLU A 448 6.04 -19.95 -19.78
N ASN A 449 6.05 -18.97 -20.68
CA ASN A 449 7.03 -18.92 -21.75
C ASN A 449 8.28 -18.11 -21.38
N GLU A 450 8.56 -17.97 -20.08
CA GLU A 450 9.80 -17.48 -19.49
C GLU A 450 10.03 -15.96 -19.57
N LYS A 451 9.18 -15.19 -20.23
CA LYS A 451 9.51 -13.78 -20.40
C LYS A 451 9.37 -13.05 -19.07
N PRO A 452 10.43 -12.42 -18.55
CA PRO A 452 10.31 -11.71 -17.28
C PRO A 452 9.54 -10.41 -17.45
N LEU A 453 8.30 -10.39 -16.95
CA LEU A 453 7.49 -9.19 -17.04
C LEU A 453 8.18 -8.02 -16.34
N VAL A 454 8.55 -8.20 -15.08
CA VAL A 454 9.43 -7.28 -14.37
C VAL A 454 10.63 -8.07 -13.87
N SER A 455 11.82 -7.56 -14.17
CA SER A 455 13.06 -8.19 -13.70
C SER A 455 13.99 -7.12 -13.18
N ARG A 456 14.75 -7.44 -12.15
CA ARG A 456 15.64 -6.48 -11.50
C ARG A 456 16.83 -7.20 -10.91
N VAL A 457 18.03 -6.72 -11.23
CA VAL A 457 19.27 -7.25 -10.68
C VAL A 457 19.80 -6.25 -9.66
N GLN A 458 19.86 -6.67 -8.40
CA GLN A 458 20.34 -5.84 -7.31
C GLN A 458 21.14 -6.73 -6.36
N LEU A 459 21.83 -6.10 -5.41
CA LEU A 459 22.46 -6.87 -4.35
C LEU A 459 21.39 -7.37 -3.39
N PRO A 460 21.53 -8.59 -2.87
CA PRO A 460 20.57 -9.11 -1.88
C PRO A 460 20.82 -8.55 -0.48
N LEU A 461 20.85 -7.22 -0.38
CA LEU A 461 21.12 -6.56 0.88
C LEU A 461 20.10 -5.47 1.14
N MET A 462 19.96 -5.14 2.41
CA MET A 462 19.22 -3.97 2.86
C MET A 462 19.81 -3.57 4.19
N LEU A 463 19.76 -2.28 4.50
CA LEU A 463 20.28 -1.83 5.79
C LEU A 463 19.45 -2.42 6.92
N ALA A 464 20.12 -2.81 7.99
CA ALA A 464 19.50 -3.56 9.08
C ALA A 464 19.77 -2.90 10.41
N TRP A 465 19.75 -1.58 10.44
CA TRP A 465 19.66 -0.87 11.71
C TRP A 465 18.21 -0.75 12.15
N SER A 466 17.32 -0.47 11.20
CA SER A 466 15.89 -0.47 11.45
C SER A 466 15.29 -1.75 10.86
N LEU A 467 14.63 -2.52 11.70
CA LEU A 467 13.76 -3.59 11.27
C LEU A 467 12.32 -3.09 11.33
N SER A 468 11.44 -3.79 10.62
CA SER A 468 10.03 -3.58 10.88
C SER A 468 9.70 -4.18 12.24
N ILE A 469 8.46 -4.02 12.68
CA ILE A 469 8.10 -4.65 13.94
C ILE A 469 7.85 -6.13 13.71
N HIS A 470 7.37 -6.51 12.53
CA HIS A 470 7.24 -7.92 12.17
C HIS A 470 8.60 -8.62 12.20
N LYS A 471 9.60 -8.01 11.54
CA LYS A 471 10.92 -8.62 11.48
C LYS A 471 11.64 -8.59 12.81
N SER A 472 11.30 -7.63 13.68
CA SER A 472 11.95 -7.52 14.98
C SER A 472 11.36 -8.47 16.01
N GLN A 473 10.13 -8.95 15.79
CA GLN A 473 9.54 -9.92 16.68
C GLN A 473 10.48 -11.10 16.91
N GLY A 474 10.71 -11.41 18.19
CA GLY A 474 11.71 -12.39 18.58
C GLY A 474 13.06 -11.82 18.96
N GLN A 475 13.39 -10.62 18.47
CA GLN A 475 14.65 -9.99 18.83
C GLN A 475 14.64 -9.55 20.30
N THR A 476 15.85 -9.36 20.84
CA THR A 476 16.05 -8.80 22.17
C THR A 476 17.01 -7.63 22.02
N LEU A 477 16.49 -6.41 22.15
CA LEU A 477 17.21 -5.21 21.73
C LEU A 477 17.73 -4.45 22.94
N PRO A 478 19.05 -4.21 23.03
CA PRO A 478 19.61 -3.49 24.18
C PRO A 478 19.22 -2.02 24.25
N LYS A 479 19.39 -1.30 23.15
CA LYS A 479 19.08 0.13 23.08
C LYS A 479 18.24 0.33 21.82
N VAL A 480 16.93 0.50 22.00
CA VAL A 480 15.97 0.38 20.91
C VAL A 480 15.06 1.61 20.90
N LYS A 481 15.15 2.40 19.84
CA LYS A 481 14.17 3.42 19.56
C LYS A 481 12.93 2.79 18.92
N VAL A 482 11.75 3.22 19.37
CA VAL A 482 10.49 2.68 18.86
C VAL A 482 9.55 3.83 18.56
N ASP A 483 8.80 3.71 17.47
CA ASP A 483 7.92 4.78 16.98
C ASP A 483 6.60 4.13 16.58
N LEU A 484 5.58 4.29 17.43
CA LEU A 484 4.28 3.64 17.28
C LEU A 484 3.34 4.39 16.34
N ARG A 485 3.88 5.28 15.49
CA ARG A 485 3.06 6.10 14.60
C ARG A 485 2.05 5.26 13.81
N ARG A 486 2.53 4.23 13.13
CA ARG A 486 1.72 3.56 12.10
C ARG A 486 1.49 2.08 12.39
N VAL A 487 1.13 1.73 13.62
CA VAL A 487 0.82 0.34 13.96
C VAL A 487 -0.66 0.08 13.72
N PHE A 488 -0.98 -1.13 13.23
CA PHE A 488 -2.34 -1.46 12.83
C PHE A 488 -2.84 -2.82 13.28
N GLU A 489 -2.01 -3.64 13.93
CA GLU A 489 -2.40 -4.99 14.30
C GLU A 489 -2.22 -5.17 15.79
N LYS A 490 -3.06 -6.04 16.37
CA LYS A 490 -3.13 -6.16 17.82
C LYS A 490 -1.87 -6.82 18.37
N GLY A 491 -1.33 -6.23 19.44
CA GLY A 491 -0.09 -6.69 20.02
C GLY A 491 1.17 -6.17 19.34
N GLN A 492 1.05 -5.59 18.14
CA GLN A 492 2.22 -5.11 17.42
C GLN A 492 2.94 -4.03 18.21
N ALA A 493 2.19 -3.06 18.75
CA ALA A 493 2.76 -2.10 19.68
C ALA A 493 3.47 -2.79 20.83
N TYR A 494 2.86 -3.84 21.37
CA TYR A 494 3.46 -4.56 22.50
C TYR A 494 4.75 -5.26 22.10
N VAL A 495 4.90 -5.63 20.83
CA VAL A 495 6.14 -6.26 20.40
C VAL A 495 7.27 -5.23 20.40
N ALA A 496 7.10 -4.16 19.61
CA ALA A 496 8.14 -3.13 19.47
C ALA A 496 8.66 -2.64 20.81
N LEU A 497 7.75 -2.37 21.75
CA LEU A 497 8.17 -1.84 23.05
C LEU A 497 8.73 -2.93 23.97
N SER A 498 8.23 -4.15 23.89
CA SER A 498 8.77 -5.23 24.72
C SER A 498 10.04 -5.84 24.14
N ARG A 499 10.52 -5.35 22.99
CA ARG A 499 11.84 -5.75 22.52
C ARG A 499 12.96 -5.10 23.33
N ALA A 500 12.63 -4.38 24.39
CA ALA A 500 13.59 -3.55 25.11
C ALA A 500 14.00 -4.23 26.41
N VAL A 501 15.29 -4.14 26.72
CA VAL A 501 15.79 -4.70 27.97
C VAL A 501 15.37 -3.86 29.16
N SER A 502 15.26 -2.54 28.99
CA SER A 502 15.08 -1.63 30.11
C SER A 502 14.27 -0.43 29.65
N ARG A 503 14.27 0.62 30.48
CA ARG A 503 13.73 1.93 30.12
C ARG A 503 14.81 2.96 29.84
N GLU A 504 15.92 2.89 30.57
CA GLU A 504 17.04 3.81 30.33
C GLU A 504 17.51 3.76 28.87
N GLY A 505 17.32 2.62 28.21
CA GLY A 505 17.74 2.47 26.83
C GLY A 505 16.59 2.31 25.84
N LEU A 506 15.50 3.06 26.04
CA LEU A 506 14.33 2.92 25.18
C LEU A 506 13.69 4.28 24.93
N GLN A 507 13.46 4.59 23.66
CA GLN A 507 12.72 5.78 23.24
C GLN A 507 11.37 5.36 22.67
N VAL A 508 10.33 6.14 22.98
CA VAL A 508 8.98 5.86 22.51
C VAL A 508 8.40 7.17 21.97
N LEU A 509 8.42 7.34 20.65
CA LEU A 509 7.77 8.48 20.04
C LEU A 509 6.32 8.15 19.69
N ASN A 510 5.47 9.17 19.75
CA ASN A 510 4.08 9.09 19.28
C ASN A 510 3.35 7.91 19.93
N PHE A 511 3.65 7.66 21.21
CA PHE A 511 2.90 6.70 22.01
C PHE A 511 1.41 7.00 21.93
N ASP A 512 0.62 5.98 21.59
CA ASP A 512 -0.82 6.16 21.35
C ASP A 512 -1.55 4.95 21.94
N ARG A 513 -2.01 5.11 23.18
CA ARG A 513 -2.78 4.07 23.85
C ARG A 513 -4.18 3.90 23.26
N THR A 514 -4.65 4.86 22.47
CA THR A 514 -6.02 4.82 21.98
C THR A 514 -6.24 3.75 20.93
N ARG A 515 -5.17 3.19 20.35
CA ARG A 515 -5.24 1.90 19.68
C ARG A 515 -4.11 1.06 20.26
N ILE A 516 -4.41 0.43 21.40
CA ILE A 516 -3.66 -0.71 21.93
C ILE A 516 -4.72 -1.65 22.48
N LYS A 517 -5.03 -2.70 21.75
CA LYS A 517 -6.16 -3.55 22.11
C LYS A 517 -5.77 -5.02 21.94
N ALA A 518 -6.60 -5.89 22.51
CA ALA A 518 -6.39 -7.32 22.43
C ALA A 518 -7.28 -7.93 21.35
N HIS A 519 -7.04 -9.21 21.07
CA HIS A 519 -7.91 -10.01 20.25
C HIS A 519 -8.63 -11.02 21.13
N GLN A 520 -9.88 -11.34 20.77
CA GLN A 520 -10.70 -12.13 21.66
C GLN A 520 -10.31 -13.60 21.66
N LYS A 521 -9.98 -14.15 20.47
CA LYS A 521 -9.56 -15.54 20.40
C LYS A 521 -8.24 -15.79 21.12
N VAL A 522 -7.46 -14.75 21.40
CA VAL A 522 -6.22 -14.93 22.14
C VAL A 522 -6.50 -15.04 23.63
N ILE A 523 -7.50 -14.32 24.12
CA ILE A 523 -7.97 -14.55 25.48
C ILE A 523 -8.66 -15.91 25.57
N ASP A 524 -9.46 -16.25 24.55
CA ASP A 524 -10.19 -17.52 24.56
C ASP A 524 -9.26 -18.72 24.51
N PHE A 525 -8.10 -18.58 23.86
CA PHE A 525 -7.21 -19.71 23.75
C PHE A 525 -6.38 -19.90 25.02
N TYR A 526 -5.86 -18.81 25.59
CA TYR A 526 -5.09 -18.95 26.81
C TYR A 526 -6.00 -19.00 28.03
N LEU A 527 -7.00 -19.89 27.98
CA LEU A 527 -7.70 -20.34 29.18
C LEU A 527 -7.99 -21.82 29.16
N THR A 528 -7.54 -22.54 28.13
CA THR A 528 -7.77 -23.97 27.98
C THR A 528 -6.44 -24.73 27.88
N LEU A 529 -5.38 -24.17 28.45
CA LEU A 529 -4.04 -24.69 28.29
C LEU A 529 -3.46 -25.08 29.63
N SER A 530 -2.28 -25.70 29.57
CA SER A 530 -1.59 -26.22 30.75
C SER A 530 -0.55 -25.22 31.22
N SER A 531 -0.54 -24.96 32.52
CA SER A 531 0.40 -24.01 33.11
C SER A 531 1.80 -24.61 33.19
N ALA A 532 2.75 -23.78 33.63
CA ALA A 532 4.14 -24.23 33.76
C ALA A 532 4.27 -25.46 34.63
N GLU A 533 3.40 -25.59 35.64
CA GLU A 533 3.42 -26.76 36.50
C GLU A 533 2.56 -27.89 35.97
N SER A 534 1.63 -27.60 35.06
CA SER A 534 0.91 -28.63 34.34
C SER A 534 1.74 -29.22 33.21
N ALA A 535 3.04 -28.91 33.19
CA ALA A 535 4.02 -29.60 32.37
C ALA A 535 4.78 -30.68 33.14
N TYR A 536 4.86 -30.56 34.46
CA TYR A 536 5.62 -31.51 35.26
C TYR A 536 4.85 -32.81 35.45
N LYS A 537 3.54 -32.72 35.71
CA LYS A 537 2.75 -33.91 36.00
C LYS A 537 2.78 -34.91 34.85
N GLN A 538 2.90 -34.43 33.62
CA GLN A 538 3.00 -35.30 32.45
C GLN A 538 4.36 -35.97 32.33
N LEU A 539 5.30 -35.69 33.25
CA LEU A 539 6.57 -36.39 33.25
C LEU A 539 6.48 -37.72 33.98
N GLU A 540 5.79 -37.75 35.12
CA GLU A 540 5.50 -39.02 35.79
C GLU A 540 4.41 -39.80 35.09
N ALA A 541 3.71 -39.19 34.13
CA ALA A 541 2.85 -39.97 33.25
C ALA A 541 3.68 -40.80 32.29
N ASP A 542 4.79 -40.23 31.80
CA ASP A 542 5.78 -41.03 31.08
C ASP A 542 6.46 -42.02 32.01
N GLU A 543 6.81 -41.58 33.21
CA GLU A 543 7.65 -42.35 34.12
C GLU A 543 7.00 -42.52 35.49
N LEU B 2 -23.93 36.50 -5.76
CA LEU B 2 -22.49 36.64 -5.66
C LEU B 2 -22.11 37.95 -4.97
N SER B 3 -20.81 38.14 -4.73
CA SER B 3 -20.31 39.27 -3.97
C SER B 3 -19.55 40.24 -4.87
N LYS B 4 -19.32 41.44 -4.35
CA LYS B 4 -18.49 42.41 -5.06
C LYS B 4 -17.09 41.85 -5.31
N GLU B 5 -16.53 41.16 -4.32
CA GLU B 5 -15.21 40.57 -4.47
C GLU B 5 -15.19 39.52 -5.58
N GLN B 6 -16.25 38.74 -5.71
CA GLN B 6 -16.28 37.63 -6.66
C GLN B 6 -16.47 38.13 -8.10
N GLU B 7 -17.49 38.97 -8.33
CA GLU B 7 -17.81 39.39 -9.69
C GLU B 7 -16.62 40.10 -10.34
N SER B 8 -15.76 40.72 -9.54
CA SER B 8 -14.54 41.33 -10.05
C SER B 8 -13.48 40.30 -10.44
N ILE B 9 -13.72 39.03 -10.20
CA ILE B 9 -12.84 37.97 -10.71
C ILE B 9 -13.34 37.46 -12.05
N ILE B 10 -14.66 37.31 -12.18
CA ILE B 10 -15.26 36.99 -13.47
C ILE B 10 -14.86 38.02 -14.51
N LYS B 11 -14.98 39.30 -14.18
CA LYS B 11 -14.78 40.37 -15.16
C LYS B 11 -13.31 40.51 -15.55
N LEU B 12 -12.38 40.14 -14.66
CA LEU B 12 -10.99 40.01 -15.07
C LEU B 12 -10.82 38.89 -16.10
N ALA B 13 -11.44 37.74 -15.84
CA ALA B 13 -11.33 36.61 -16.77
C ALA B 13 -12.06 36.89 -18.08
N GLU B 14 -13.11 37.74 -18.04
CA GLU B 14 -13.76 38.16 -19.27
C GLU B 14 -12.78 38.82 -20.23
N ASN B 15 -11.93 39.70 -19.71
CA ASN B 15 -11.06 40.51 -20.55
C ASN B 15 -9.89 39.73 -21.14
N GLY B 16 -9.62 38.53 -20.66
CA GLY B 16 -8.60 37.68 -21.25
C GLY B 16 -7.31 37.56 -20.46
N HIS B 17 -7.36 37.62 -19.13
CA HIS B 17 -6.17 37.49 -18.31
C HIS B 17 -6.02 36.06 -17.82
N ASN B 18 -4.80 35.54 -17.90
CA ASN B 18 -4.48 34.23 -17.34
C ASN B 18 -4.34 34.40 -15.82
N ILE B 19 -5.46 34.26 -15.12
CA ILE B 19 -5.52 34.53 -13.68
C ILE B 19 -5.56 33.21 -12.92
N PHE B 20 -4.70 33.08 -11.92
CA PHE B 20 -4.90 32.14 -10.83
C PHE B 20 -5.50 32.89 -9.67
N TYR B 21 -6.62 32.39 -9.14
CA TYR B 21 -7.23 32.98 -7.96
C TYR B 21 -7.41 31.90 -6.91
N THR B 22 -7.53 32.34 -5.66
CA THR B 22 -7.45 31.41 -4.54
C THR B 22 -8.22 32.00 -3.37
N GLY B 23 -8.05 31.39 -2.19
CA GLY B 23 -8.79 31.75 -1.01
C GLY B 23 -9.15 30.53 -0.17
N SER B 24 -9.17 30.71 1.15
CA SER B 24 -9.43 29.61 2.08
C SER B 24 -10.71 28.87 1.73
N ALA B 25 -10.79 27.61 2.14
CA ALA B 25 -11.97 26.78 1.89
C ALA B 25 -13.25 27.52 2.26
N GLY B 26 -14.27 27.37 1.40
CA GLY B 26 -15.52 28.04 1.59
C GLY B 26 -15.66 29.38 0.89
N THR B 27 -14.55 29.98 0.46
CA THR B 27 -14.58 31.35 -0.06
C THR B 27 -15.01 31.43 -1.51
N GLY B 28 -16.16 30.85 -1.84
CA GLY B 28 -16.87 31.16 -3.07
C GLY B 28 -16.20 30.78 -4.36
N LYS B 29 -14.97 30.27 -4.33
CA LYS B 29 -14.19 30.03 -5.55
C LYS B 29 -14.98 29.27 -6.61
N SER B 30 -15.55 28.12 -6.24
CA SER B 30 -16.15 27.23 -7.23
C SER B 30 -17.44 27.83 -7.79
N ILE B 31 -18.32 28.33 -6.91
CA ILE B 31 -19.57 28.93 -7.38
C ILE B 31 -19.27 30.10 -8.31
N LEU B 32 -18.38 31.00 -7.89
CA LEU B 32 -17.82 32.02 -8.76
C LEU B 32 -17.44 31.43 -10.11
N LEU B 33 -16.63 30.38 -10.08
CA LEU B 33 -16.16 29.77 -11.33
C LEU B 33 -17.31 29.23 -12.16
N ARG B 34 -18.29 28.57 -11.51
CA ARG B 34 -19.42 28.00 -12.22
C ARG B 34 -20.09 29.03 -13.13
N GLU B 35 -20.32 30.23 -12.60
CA GLU B 35 -20.93 31.28 -13.40
C GLU B 35 -19.94 31.87 -14.39
N MET B 36 -18.70 32.09 -13.95
CA MET B 36 -17.64 32.55 -14.85
C MET B 36 -17.57 31.70 -16.12
N ILE B 37 -17.80 30.39 -15.97
CA ILE B 37 -17.74 29.48 -17.12
C ILE B 37 -18.81 29.83 -18.14
N LYS B 38 -19.98 30.31 -17.68
CA LYS B 38 -21.04 30.71 -18.59
C LYS B 38 -20.57 31.82 -19.54
N VAL B 39 -19.96 32.87 -18.99
CA VAL B 39 -19.63 34.05 -19.78
C VAL B 39 -18.27 33.88 -20.46
N LEU B 40 -17.69 32.69 -20.34
CA LEU B 40 -16.52 32.34 -21.15
C LEU B 40 -16.90 31.50 -22.35
N LYS B 41 -18.08 30.89 -22.35
CA LYS B 41 -18.59 30.23 -23.55
C LYS B 41 -19.25 31.22 -24.48
N GLY B 42 -19.76 32.34 -23.95
CA GLY B 42 -20.24 33.41 -24.80
C GLY B 42 -19.15 34.11 -25.60
N ILE B 43 -17.90 33.98 -25.16
CA ILE B 43 -16.78 34.61 -25.85
C ILE B 43 -16.16 33.64 -26.85
N TYR B 44 -15.67 32.50 -26.36
CA TYR B 44 -14.96 31.55 -27.20
C TYR B 44 -15.86 30.55 -27.88
N GLY B 45 -17.06 30.31 -27.36
CA GLY B 45 -17.95 29.28 -27.85
C GLY B 45 -18.04 28.16 -26.84
N ARG B 46 -19.23 27.55 -26.73
CA ARG B 46 -19.46 26.49 -25.76
C ARG B 46 -18.43 25.37 -25.89
N GLU B 47 -18.12 24.97 -27.12
CA GLU B 47 -17.25 23.84 -27.37
C GLU B 47 -15.77 24.15 -27.20
N ASN B 48 -15.40 25.39 -26.84
CA ASN B 48 -14.01 25.79 -26.77
C ASN B 48 -13.60 26.25 -25.38
N VAL B 49 -14.31 25.84 -24.34
CA VAL B 49 -13.95 26.13 -22.96
C VAL B 49 -13.82 24.80 -22.24
N ALA B 50 -12.58 24.44 -21.88
CA ALA B 50 -12.28 23.15 -21.28
C ALA B 50 -12.35 23.27 -19.76
N VAL B 51 -13.42 22.75 -19.17
CA VAL B 51 -13.62 22.82 -17.73
C VAL B 51 -13.01 21.58 -17.11
N THR B 52 -12.03 21.77 -16.23
CA THR B 52 -11.33 20.66 -15.59
C THR B 52 -11.08 20.95 -14.12
N ALA B 53 -11.06 19.90 -13.32
CA ALA B 53 -10.43 19.91 -12.00
C ALA B 53 -9.34 18.84 -11.97
N SER B 54 -8.71 18.68 -10.80
CA SER B 54 -7.66 17.68 -10.68
C SER B 54 -8.23 16.30 -10.36
N THR B 55 -9.33 16.25 -9.60
CA THR B 55 -10.01 15.01 -9.28
C THR B 55 -11.36 14.97 -9.98
N GLY B 56 -11.76 13.77 -10.44
CA GLY B 56 -12.94 13.66 -11.27
C GLY B 56 -14.20 14.20 -10.63
N LEU B 57 -14.41 13.89 -9.35
CA LEU B 57 -15.60 14.39 -8.65
C LEU B 57 -15.59 15.91 -8.56
N ALA B 58 -14.49 16.48 -8.04
CA ALA B 58 -14.39 17.93 -7.94
C ALA B 58 -14.45 18.63 -9.29
N ALA B 59 -14.31 17.89 -10.39
CA ALA B 59 -14.57 18.44 -11.71
C ALA B 59 -16.07 18.52 -11.98
N CYS B 60 -16.82 17.48 -11.58
CA CYS B 60 -18.27 17.53 -11.70
C CYS B 60 -18.85 18.70 -10.92
N ASN B 61 -18.23 19.07 -9.79
CA ASN B 61 -18.62 20.24 -9.02
C ASN B 61 -18.89 21.44 -9.91
N ILE B 62 -17.95 21.75 -10.81
CA ILE B 62 -18.10 22.86 -11.73
C ILE B 62 -18.58 22.42 -13.11
N GLY B 63 -18.81 21.13 -13.32
CA GLY B 63 -19.38 20.64 -14.55
C GLY B 63 -18.39 20.03 -15.53
N GLY B 64 -17.11 19.96 -15.18
CA GLY B 64 -16.07 19.60 -16.12
C GLY B 64 -15.61 18.14 -15.99
N ILE B 65 -14.60 17.83 -16.79
CA ILE B 65 -14.01 16.50 -16.82
C ILE B 65 -12.65 16.57 -16.15
N THR B 66 -12.07 15.41 -15.88
CA THR B 66 -10.74 15.36 -15.29
C THR B 66 -9.72 15.93 -16.28
N ILE B 67 -8.76 16.71 -15.75
CA ILE B 67 -7.70 17.26 -16.58
C ILE B 67 -7.03 16.15 -17.40
N HIS B 68 -6.83 14.99 -16.78
CA HIS B 68 -6.24 13.87 -17.50
C HIS B 68 -7.14 13.38 -18.63
N SER B 69 -8.44 13.24 -18.34
CA SER B 69 -9.37 12.80 -19.38
C SER B 69 -9.49 13.82 -20.50
N PHE B 70 -9.51 15.11 -20.16
CA PHE B 70 -9.57 16.14 -21.18
C PHE B 70 -8.32 16.15 -22.03
N ALA B 71 -7.15 16.27 -21.39
CA ALA B 71 -5.92 16.52 -22.12
C ALA B 71 -5.53 15.37 -23.03
N GLY B 72 -6.07 14.17 -22.81
CA GLY B 72 -5.73 13.05 -23.66
C GLY B 72 -4.47 12.33 -23.27
N ILE B 73 -4.00 12.52 -22.05
CA ILE B 73 -2.66 12.11 -21.67
C ILE B 73 -2.65 10.85 -20.81
N GLY B 74 -3.78 10.14 -20.75
CA GLY B 74 -3.89 9.00 -19.87
C GLY B 74 -3.46 9.31 -18.44
N LEU B 75 -2.46 8.59 -17.95
CA LEU B 75 -1.99 8.74 -16.59
C LEU B 75 -1.04 9.92 -16.40
N GLY B 76 -0.84 10.74 -17.43
CA GLY B 76 0.09 11.87 -17.31
C GLY B 76 1.46 11.47 -16.80
N LYS B 77 1.95 10.30 -17.21
CA LYS B 77 3.13 9.68 -16.62
C LYS B 77 4.41 9.92 -17.43
N GLY B 78 4.40 9.59 -18.71
CA GLY B 78 5.63 9.47 -19.48
C GLY B 78 6.35 10.76 -19.83
N ASP B 79 7.13 10.71 -20.91
CA ASP B 79 7.96 11.84 -21.31
C ASP B 79 7.11 12.96 -21.89
N ALA B 80 7.59 14.19 -21.70
CA ALA B 80 6.91 15.37 -22.23
C ALA B 80 6.63 15.25 -23.72
N ASP B 81 7.52 14.58 -24.47
CA ASP B 81 7.32 14.47 -25.91
C ASP B 81 6.37 13.34 -26.27
N LYS B 82 6.42 12.22 -25.55
CA LYS B 82 5.55 11.10 -25.86
C LYS B 82 4.11 11.37 -25.45
N LEU B 83 3.88 12.29 -24.50
CA LEU B 83 2.52 12.71 -24.21
C LEU B 83 1.97 13.59 -25.32
N TYR B 84 2.77 14.54 -25.82
CA TYR B 84 2.41 15.26 -27.03
C TYR B 84 2.04 14.31 -28.15
N LYS B 85 2.89 13.30 -28.38
CA LYS B 85 2.64 12.35 -29.47
C LYS B 85 1.50 11.40 -29.16
N LYS B 86 1.16 11.21 -27.89
CA LYS B 86 -0.06 10.48 -27.56
C LYS B 86 -1.30 11.34 -27.80
N VAL B 87 -1.22 12.64 -27.46
CA VAL B 87 -2.35 13.53 -27.66
C VAL B 87 -2.69 13.65 -29.14
N ARG B 88 -1.67 13.89 -29.97
CA ARG B 88 -1.89 14.17 -31.39
C ARG B 88 -2.36 12.97 -32.19
N ARG B 89 -2.59 11.81 -31.56
CA ARG B 89 -2.99 10.61 -32.29
C ARG B 89 -4.49 10.36 -32.24
N SER B 90 -5.08 10.38 -31.05
CA SER B 90 -6.55 10.40 -30.97
C SER B 90 -7.03 11.73 -31.52
N ARG B 91 -7.63 11.69 -32.72
CA ARG B 91 -7.94 12.92 -33.45
C ARG B 91 -8.84 13.85 -32.64
N LYS B 92 -9.69 13.31 -31.78
CA LYS B 92 -10.55 14.15 -30.96
C LYS B 92 -9.73 15.04 -30.03
N HIS B 93 -8.77 14.45 -29.32
CA HIS B 93 -8.02 15.20 -28.32
C HIS B 93 -7.13 16.27 -28.95
N LEU B 94 -6.64 16.03 -30.18
CA LEU B 94 -5.73 16.99 -30.80
C LEU B 94 -6.43 18.31 -31.09
N ARG B 95 -7.61 18.27 -31.72
CA ARG B 95 -8.29 19.51 -32.04
C ARG B 95 -9.04 20.08 -30.84
N ARG B 96 -9.30 19.27 -29.82
CA ARG B 96 -9.69 19.82 -28.54
C ARG B 96 -8.62 20.77 -28.02
N TRP B 97 -7.34 20.47 -28.30
CA TRP B 97 -6.25 21.38 -27.95
C TRP B 97 -6.06 22.48 -28.98
N GLU B 98 -6.51 22.28 -30.23
CA GLU B 98 -6.39 23.31 -31.26
C GLU B 98 -7.42 24.40 -31.13
N ASN B 99 -8.53 24.16 -30.42
CA ASN B 99 -9.69 25.02 -30.51
C ASN B 99 -10.08 25.71 -29.22
N ILE B 100 -9.77 25.13 -28.05
CA ILE B 100 -10.17 25.78 -26.81
C ILE B 100 -9.52 27.14 -26.71
N GLY B 101 -10.29 28.11 -26.21
CA GLY B 101 -9.77 29.45 -25.98
C GLY B 101 -9.38 29.62 -24.53
N ALA B 102 -10.12 28.94 -23.66
CA ALA B 102 -9.86 28.97 -22.23
C ALA B 102 -9.73 27.55 -21.69
N LEU B 103 -8.76 27.36 -20.81
CA LEU B 103 -8.64 26.15 -20.02
C LEU B 103 -8.89 26.53 -18.57
N VAL B 104 -9.85 25.85 -17.94
CA VAL B 104 -10.19 26.09 -16.55
C VAL B 104 -9.76 24.86 -15.74
N VAL B 105 -8.98 25.10 -14.70
CA VAL B 105 -8.53 24.04 -13.81
C VAL B 105 -8.94 24.42 -12.39
N ASP B 106 -9.46 23.46 -11.66
CA ASP B 106 -10.03 23.69 -10.34
C ASP B 106 -9.43 22.67 -9.37
N GLU B 107 -9.37 23.05 -8.10
CA GLU B 107 -8.49 22.38 -7.15
C GLU B 107 -7.11 22.21 -7.76
N ILE B 108 -6.58 23.31 -8.30
CA ILE B 108 -5.27 23.32 -8.95
C ILE B 108 -4.18 22.91 -7.98
N SER B 109 -4.46 23.02 -6.67
CA SER B 109 -3.52 22.57 -5.64
C SER B 109 -3.01 21.16 -5.87
N MET B 110 -3.81 20.29 -6.49
CA MET B 110 -3.54 18.86 -6.50
C MET B 110 -2.85 18.38 -7.78
N LEU B 111 -2.38 19.29 -8.63
CA LEU B 111 -1.49 18.86 -9.69
C LEU B 111 -0.05 18.80 -9.18
N ASP B 112 0.77 18.01 -9.87
CA ASP B 112 2.21 18.02 -9.64
C ASP B 112 2.87 18.84 -10.74
N ALA B 113 3.82 19.69 -10.33
CA ALA B 113 4.52 20.62 -11.22
C ALA B 113 4.91 19.95 -12.53
N GLU B 114 5.44 18.74 -12.42
CA GLU B 114 5.86 17.96 -13.59
C GLU B 114 4.79 17.98 -14.68
N LEU B 115 3.55 17.64 -14.32
CA LEU B 115 2.49 17.56 -15.33
C LEU B 115 2.15 18.94 -15.87
N LEU B 116 2.10 19.95 -15.00
CA LEU B 116 1.83 21.32 -15.45
C LEU B 116 2.80 21.75 -16.55
N ASP B 117 4.04 21.23 -16.52
CA ASP B 117 4.96 21.48 -17.62
C ASP B 117 4.60 20.68 -18.86
N LYS B 118 4.04 19.49 -18.68
CA LYS B 118 3.73 18.63 -19.82
C LYS B 118 2.63 19.25 -20.69
N LEU B 119 1.52 19.67 -20.06
CA LEU B 119 0.45 20.34 -20.79
C LEU B 119 0.98 21.57 -21.52
N ASP B 120 1.64 22.48 -20.79
CA ASP B 120 2.27 23.64 -21.37
C ASP B 120 3.11 23.29 -22.60
N PHE B 121 3.70 22.09 -22.61
CA PHE B 121 4.48 21.67 -23.76
C PHE B 121 3.62 21.06 -24.85
N ILE B 122 2.63 20.23 -24.48
CA ILE B 122 1.68 19.72 -25.48
C ILE B 122 0.98 20.88 -26.18
N ALA B 123 0.50 21.85 -25.40
CA ALA B 123 -0.35 22.90 -25.95
C ALA B 123 0.43 23.81 -26.89
N ARG B 124 1.68 24.13 -26.56
CA ARG B 124 2.48 25.00 -27.41
C ARG B 124 2.69 24.37 -28.78
N LYS B 125 3.36 23.21 -28.83
CA LYS B 125 3.68 22.57 -30.10
C LYS B 125 2.44 22.17 -30.89
N ILE B 126 1.31 21.96 -30.22
CA ILE B 126 0.09 21.59 -30.93
C ILE B 126 -0.52 22.83 -31.61
N ARG B 127 -0.62 23.92 -30.88
CA ARG B 127 -1.22 25.14 -31.41
C ARG B 127 -0.23 25.99 -32.19
N LYS B 128 0.93 25.44 -32.51
CA LYS B 128 1.99 26.13 -33.26
C LYS B 128 2.22 27.53 -32.69
N ASN B 129 2.46 27.59 -31.39
CA ASN B 129 2.63 28.84 -30.68
C ASN B 129 3.56 28.60 -29.50
N HIS B 130 4.34 29.62 -29.15
CA HIS B 130 5.28 29.55 -28.05
C HIS B 130 4.74 30.17 -26.78
N GLN B 131 3.56 30.80 -26.83
CA GLN B 131 2.89 31.49 -25.74
C GLN B 131 2.76 30.59 -24.51
N PRO B 132 2.58 31.18 -23.31
CA PRO B 132 2.69 30.40 -22.06
C PRO B 132 1.85 29.13 -21.98
N PHE B 133 0.78 29.05 -22.76
CA PHE B 133 0.13 27.76 -22.98
C PHE B 133 -0.32 27.59 -24.43
N GLY B 134 0.32 28.25 -25.38
CA GLY B 134 -0.16 28.27 -26.75
C GLY B 134 -1.18 29.33 -27.04
N GLY B 135 -1.36 30.31 -26.15
CA GLY B 135 -2.36 31.33 -26.30
C GLY B 135 -3.65 31.07 -25.55
N ILE B 136 -3.85 29.84 -25.07
CA ILE B 136 -5.02 29.52 -24.26
C ILE B 136 -5.06 30.41 -23.03
N GLN B 137 -6.18 31.10 -22.85
CA GLN B 137 -6.39 31.81 -21.58
C GLN B 137 -6.47 30.80 -20.45
N LEU B 138 -5.62 30.97 -19.45
CA LEU B 138 -5.61 30.11 -18.28
C LEU B 138 -6.54 30.66 -17.21
N ILE B 139 -7.23 29.76 -16.52
CA ILE B 139 -7.95 30.13 -15.31
C ILE B 139 -7.68 29.03 -14.29
N PHE B 140 -6.79 29.31 -13.35
CA PHE B 140 -6.44 28.37 -12.30
C PHE B 140 -7.18 28.77 -11.02
N CYS B 141 -7.84 27.80 -10.40
CA CYS B 141 -8.65 28.04 -9.21
C CYS B 141 -8.39 26.94 -8.20
N GLY B 142 -8.25 27.33 -6.95
CA GLY B 142 -7.95 26.38 -5.90
C GLY B 142 -7.38 27.10 -4.68
N ASP B 143 -6.71 26.31 -3.83
CA ASP B 143 -6.11 26.85 -2.61
C ASP B 143 -4.99 25.90 -2.20
N PHE B 144 -3.77 26.42 -2.13
CA PHE B 144 -2.59 25.58 -1.94
C PHE B 144 -2.40 25.14 -0.49
N PHE B 145 -3.35 25.43 0.40
CA PHE B 145 -3.31 24.89 1.74
C PHE B 145 -4.13 23.61 1.87
N GLN B 146 -4.79 23.20 0.81
CA GLN B 146 -5.52 21.94 0.76
C GLN B 146 -4.62 20.87 0.13
N LEU B 147 -5.20 19.70 -0.14
CA LEU B 147 -4.44 18.48 -0.36
C LEU B 147 -3.35 18.68 -1.42
N PRO B 148 -2.16 18.14 -1.21
CA PRO B 148 -1.07 18.30 -2.16
C PRO B 148 -1.06 17.19 -3.18
N PRO B 149 -0.38 17.37 -4.31
CA PRO B 149 -0.35 16.33 -5.36
C PRO B 149 0.09 14.96 -4.86
N VAL B 150 -0.77 13.96 -5.06
CA VAL B 150 -0.42 12.57 -4.74
C VAL B 150 0.89 12.20 -5.43
N SER B 151 1.84 11.70 -4.65
CA SER B 151 3.19 11.45 -5.14
C SER B 151 3.65 10.05 -4.72
N LYS B 152 4.44 9.43 -5.60
CA LYS B 152 5.06 8.15 -5.29
C LYS B 152 6.25 7.88 -6.22
N PRO B 157 10.29 13.15 -6.86
CA PRO B 157 9.28 13.74 -5.97
C PRO B 157 8.50 14.86 -6.64
N THR B 158 7.26 15.08 -6.20
CA THR B 158 6.37 16.04 -6.85
C THR B 158 6.46 17.38 -6.12
N LYS B 159 6.99 18.38 -6.81
CA LYS B 159 6.92 19.75 -6.34
C LYS B 159 5.48 20.27 -6.43
N PHE B 160 5.25 21.45 -5.86
CA PHE B 160 3.93 22.05 -5.92
C PHE B 160 3.66 22.60 -7.32
N ALA B 161 2.37 22.84 -7.59
CA ALA B 161 1.95 23.29 -8.92
C ALA B 161 2.57 24.61 -9.32
N PHE B 162 3.15 25.36 -8.39
CA PHE B 162 3.70 26.67 -8.71
C PHE B 162 5.22 26.69 -8.79
N GLU B 163 5.88 25.62 -8.38
CA GLU B 163 7.34 25.51 -8.44
C GLU B 163 7.85 25.30 -9.86
N SER B 164 6.96 25.35 -10.83
CA SER B 164 7.26 25.01 -12.21
C SER B 164 7.52 26.25 -13.04
N LYS B 165 8.37 26.11 -14.06
CA LYS B 165 8.53 27.17 -15.05
C LYS B 165 7.23 27.42 -15.80
N ALA B 166 6.40 26.39 -15.95
CA ALA B 166 5.12 26.56 -16.64
C ALA B 166 4.22 27.53 -15.90
N TRP B 167 4.04 27.31 -14.59
CA TRP B 167 3.22 28.21 -13.79
C TRP B 167 3.68 29.66 -13.90
N LYS B 168 4.96 29.91 -13.57
CA LYS B 168 5.42 31.29 -13.47
C LYS B 168 5.51 31.95 -14.83
N GLU B 169 5.77 31.18 -15.89
CA GLU B 169 5.73 31.75 -17.23
C GLU B 169 4.30 31.97 -17.72
N GLY B 170 3.31 31.34 -17.09
CA GLY B 170 1.94 31.44 -17.57
C GLY B 170 0.94 32.11 -16.66
N VAL B 171 1.13 32.01 -15.34
CA VAL B 171 0.18 32.62 -14.40
C VAL B 171 0.49 34.11 -14.38
N LYS B 172 -0.32 34.89 -15.10
CA LYS B 172 -0.09 36.30 -15.33
C LYS B 172 -0.68 37.18 -14.24
N MET B 173 -1.54 36.65 -13.38
CA MET B 173 -2.32 37.49 -12.48
C MET B 173 -2.83 36.64 -11.33
N THR B 174 -2.87 37.22 -10.13
CA THR B 174 -3.37 36.53 -8.96
C THR B 174 -4.33 37.41 -8.19
N ILE B 175 -5.44 36.80 -7.72
CA ILE B 175 -6.43 37.45 -6.89
C ILE B 175 -6.70 36.51 -5.70
N MET B 176 -7.37 37.03 -4.67
CA MET B 176 -7.51 36.28 -3.42
C MET B 176 -8.78 36.70 -2.71
N LEU B 177 -9.63 35.72 -2.40
CA LEU B 177 -10.85 35.95 -1.60
C LEU B 177 -10.58 35.69 -0.12
N GLN B 178 -11.41 36.29 0.73
CA GLN B 178 -11.28 36.09 2.17
C GLN B 178 -12.58 35.69 2.85
N LYS B 179 -13.72 36.13 2.31
CA LYS B 179 -14.99 35.91 3.00
C LYS B 179 -15.38 34.43 2.91
N VAL B 180 -15.66 33.83 4.07
CA VAL B 180 -15.91 32.41 4.18
C VAL B 180 -17.41 32.17 4.29
N PHE B 181 -18.00 31.51 3.29
CA PHE B 181 -19.43 31.27 3.22
C PHE B 181 -19.86 29.88 3.68
N ARG B 182 -19.05 28.85 3.43
CA ARG B 182 -19.51 27.47 3.65
C ARG B 182 -20.02 27.25 5.07
N GLN B 183 -19.45 27.95 6.05
CA GLN B 183 -19.95 27.91 7.42
C GLN B 183 -20.47 29.28 7.83
N ARG B 184 -21.19 29.92 6.93
CA ARG B 184 -21.75 31.25 7.15
C ARG B 184 -22.48 31.34 8.48
N GLY B 185 -22.02 32.25 9.35
CA GLY B 185 -22.68 32.57 10.59
C GLY B 185 -21.93 32.12 11.84
N ASP B 186 -21.11 31.07 11.71
CA ASP B 186 -20.39 30.53 12.86
C ASP B 186 -18.96 31.12 12.88
N VAL B 187 -18.91 32.43 13.17
CA VAL B 187 -17.65 33.16 13.14
C VAL B 187 -16.62 32.59 14.12
N LYS B 188 -17.06 31.76 15.08
CA LYS B 188 -16.12 31.02 15.91
C LYS B 188 -15.54 29.83 15.15
N PHE B 189 -16.43 29.00 14.58
CA PHE B 189 -16.02 27.87 13.77
C PHE B 189 -15.07 28.29 12.65
N ILE B 190 -15.47 29.30 11.87
CA ILE B 190 -14.63 29.78 10.77
C ILE B 190 -13.23 30.13 11.27
N ASP B 191 -13.16 31.04 12.26
CA ASP B 191 -11.88 31.40 12.85
C ASP B 191 -11.11 30.17 13.33
N MET B 192 -11.81 29.12 13.74
CA MET B 192 -11.14 27.89 14.14
C MET B 192 -10.59 27.15 12.92
N LEU B 193 -11.30 27.22 11.79
CA LEU B 193 -10.84 26.54 10.59
C LEU B 193 -9.74 27.31 9.86
N ASN B 194 -9.64 28.63 10.10
CA ASN B 194 -8.50 29.38 9.57
C ASN B 194 -7.21 28.97 10.28
N ARG B 195 -7.27 28.83 11.60
CA ARG B 195 -6.09 28.40 12.36
C ARG B 195 -5.66 26.99 11.96
N MET B 196 -6.62 26.11 11.70
CA MET B 196 -6.32 24.76 11.24
C MET B 196 -5.75 24.77 9.82
N ARG B 197 -5.97 25.84 9.06
CA ARG B 197 -5.42 25.94 7.72
C ARG B 197 -3.95 26.35 7.74
N LEU B 198 -3.59 27.30 8.60
CA LEU B 198 -2.26 27.89 8.59
C LEU B 198 -1.25 27.15 9.48
N GLY B 199 -1.71 26.22 10.32
CA GLY B 199 -0.81 25.43 11.12
C GLY B 199 -0.77 25.77 12.61
N ASN B 200 -1.62 26.68 13.07
CA ASN B 200 -1.62 27.13 14.47
C ASN B 200 -2.89 26.63 15.13
N ILE B 201 -2.74 25.88 16.22
CA ILE B 201 -3.86 25.44 17.04
C ILE B 201 -3.58 25.80 18.49
N ASP B 202 -4.57 26.36 19.17
CA ASP B 202 -4.53 26.63 20.59
C ASP B 202 -5.50 25.68 21.31
N ASP B 203 -5.62 25.86 22.63
CA ASP B 203 -6.36 24.90 23.44
C ASP B 203 -7.85 24.94 23.13
N GLU B 204 -8.43 26.14 23.03
CA GLU B 204 -9.88 26.23 22.80
C GLU B 204 -10.26 25.63 21.45
N THR B 205 -9.35 25.68 20.48
CA THR B 205 -9.56 24.91 19.25
C THR B 205 -9.58 23.42 19.53
N GLU B 206 -8.55 22.93 20.24
CA GLU B 206 -8.48 21.51 20.56
C GLU B 206 -9.70 21.04 21.34
N ARG B 207 -10.23 21.89 22.23
CA ARG B 207 -11.37 21.48 23.04
C ARG B 207 -12.65 21.44 22.22
N GLU B 208 -12.89 22.46 21.40
CA GLU B 208 -14.09 22.49 20.57
C GLU B 208 -14.11 21.31 19.59
N PHE B 209 -12.99 21.10 18.89
CA PHE B 209 -12.93 20.01 17.91
C PHE B 209 -12.95 18.63 18.55
N LYS B 210 -12.57 18.52 19.83
CA LYS B 210 -12.69 17.25 20.53
C LYS B 210 -14.07 17.05 21.15
N LYS B 211 -14.79 18.14 21.43
CA LYS B 211 -16.18 17.99 21.83
C LYS B 211 -17.04 17.44 20.70
N LEU B 212 -16.61 17.65 19.45
CA LEU B 212 -17.38 17.26 18.28
C LEU B 212 -17.55 15.75 18.12
N SER B 213 -16.86 14.95 18.92
CA SER B 213 -16.91 13.50 18.76
C SER B 213 -18.28 12.90 19.11
N ARG B 214 -19.18 13.68 19.68
CA ARG B 214 -20.51 13.19 20.00
C ARG B 214 -21.22 12.70 18.74
N PRO B 215 -21.84 11.53 18.76
CA PRO B 215 -22.59 11.04 17.60
C PRO B 215 -23.59 12.07 17.07
N LEU B 216 -23.65 12.19 15.76
CA LEU B 216 -24.52 13.14 15.09
C LEU B 216 -25.98 12.75 15.25
N PRO B 217 -26.91 13.61 14.85
CA PRO B 217 -28.35 13.33 15.04
C PRO B 217 -28.76 11.93 14.60
N ASP B 218 -29.79 11.41 15.28
CA ASP B 218 -30.40 10.11 15.01
C ASP B 218 -31.39 10.15 13.84
N ASP B 219 -31.38 11.21 13.04
CA ASP B 219 -32.42 11.43 12.05
C ASP B 219 -32.13 10.59 10.81
N GLU B 220 -32.89 10.83 9.74
CA GLU B 220 -32.85 9.98 8.55
C GLU B 220 -31.90 10.50 7.47
N ILE B 221 -31.23 11.63 7.69
CA ILE B 221 -30.14 12.01 6.79
C ILE B 221 -28.99 11.04 7.00
N ILE B 222 -28.55 10.40 5.93
CA ILE B 222 -27.35 9.58 6.00
C ILE B 222 -26.15 10.53 6.00
N PRO B 223 -25.41 10.63 7.09
CA PRO B 223 -24.30 11.58 7.13
C PRO B 223 -23.18 11.19 6.19
N ALA B 224 -22.53 12.19 5.62
CA ALA B 224 -21.30 11.94 4.88
C ALA B 224 -20.20 11.50 5.84
N GLU B 225 -19.26 10.72 5.34
CA GLU B 225 -18.19 10.20 6.16
C GLU B 225 -16.89 10.34 5.41
N LEU B 226 -15.87 10.90 6.06
CA LEU B 226 -14.62 11.28 5.40
C LEU B 226 -13.46 10.57 6.07
N TYR B 227 -12.89 9.59 5.37
CA TYR B 227 -11.70 8.89 5.78
C TYR B 227 -10.63 9.08 4.70
N SER B 228 -9.37 8.98 5.10
CA SER B 228 -8.28 9.22 4.17
C SER B 228 -7.89 7.99 3.36
N THR B 229 -8.51 6.84 3.60
CA THR B 229 -8.09 5.59 2.99
C THR B 229 -9.27 4.87 2.39
N ARG B 230 -9.04 4.21 1.24
CA ARG B 230 -10.05 3.40 0.60
C ARG B 230 -10.70 2.42 1.59
N MET B 231 -9.90 1.78 2.43
CA MET B 231 -10.41 0.66 3.22
C MET B 231 -11.23 1.11 4.42
N GLU B 232 -10.98 2.30 4.96
CA GLU B 232 -11.93 2.88 5.90
C GLU B 232 -13.15 3.41 5.15
N VAL B 233 -12.92 4.15 4.08
CA VAL B 233 -14.00 4.66 3.23
C VAL B 233 -14.92 3.52 2.81
N GLU B 234 -14.35 2.39 2.40
CA GLU B 234 -15.18 1.25 2.01
C GLU B 234 -15.78 0.55 3.23
N ARG B 235 -15.08 0.56 4.37
CA ARG B 235 -15.64 0.03 5.60
C ARG B 235 -16.93 0.76 5.97
N ALA B 236 -16.87 2.10 6.01
CA ALA B 236 -18.05 2.89 6.29
C ALA B 236 -19.08 2.85 5.15
N ASN B 237 -18.64 2.53 3.93
CA ASN B 237 -19.58 2.45 2.81
C ASN B 237 -20.45 1.20 2.91
N ASN B 238 -19.91 0.11 3.48
CA ASN B 238 -20.66 -1.12 3.65
C ASN B 238 -21.42 -1.14 4.97
N SER B 239 -20.80 -0.60 6.04
CA SER B 239 -21.49 -0.46 7.31
C SER B 239 -22.84 0.23 7.15
N ARG B 240 -22.90 1.26 6.31
CA ARG B 240 -24.17 1.95 6.07
C ARG B 240 -25.10 1.11 5.24
N LEU B 241 -24.59 0.53 4.15
CA LEU B 241 -25.39 -0.37 3.31
C LEU B 241 -26.06 -1.46 4.13
N SER B 242 -25.35 -1.97 5.15
CA SER B 242 -25.92 -3.01 6.00
C SER B 242 -27.06 -2.50 6.87
N LYS B 243 -27.16 -1.18 7.05
CA LYS B 243 -28.28 -0.59 7.76
C LYS B 243 -29.43 -0.21 6.83
N LEU B 244 -29.17 -0.12 5.53
CA LEU B 244 -30.19 0.28 4.58
C LEU B 244 -31.24 -0.83 4.44
N PRO B 245 -32.52 -0.49 4.42
CA PRO B 245 -33.56 -1.50 4.22
C PRO B 245 -33.67 -1.89 2.76
N GLY B 246 -34.32 -3.03 2.54
CA GLY B 246 -34.45 -3.58 1.20
C GLY B 246 -33.43 -4.67 0.93
N GLN B 247 -33.75 -5.53 -0.03
CA GLN B 247 -32.92 -6.69 -0.32
C GLN B 247 -31.64 -6.27 -1.02
N VAL B 248 -30.52 -6.89 -0.61
CA VAL B 248 -29.24 -6.61 -1.24
C VAL B 248 -29.20 -7.22 -2.64
N HIS B 249 -28.28 -6.71 -3.46
CA HIS B 249 -27.95 -7.29 -4.75
C HIS B 249 -26.43 -7.41 -4.84
N ILE B 250 -25.92 -8.64 -4.76
CA ILE B 250 -24.50 -8.87 -4.98
C ILE B 250 -24.18 -8.69 -6.46
N PHE B 251 -22.96 -8.24 -6.74
CA PHE B 251 -22.43 -8.20 -8.10
C PHE B 251 -21.01 -8.75 -8.05
N ASN B 252 -20.78 -9.87 -8.73
CA ASN B 252 -19.52 -10.60 -8.64
C ASN B 252 -18.64 -10.26 -9.84
N ALA B 253 -17.52 -9.60 -9.56
CA ALA B 253 -16.55 -9.28 -10.60
C ALA B 253 -16.01 -10.55 -11.27
N ILE B 254 -15.97 -10.53 -12.59
CA ILE B 254 -15.39 -11.62 -13.39
C ILE B 254 -13.93 -11.29 -13.63
N ASP B 255 -13.03 -12.16 -13.15
CA ASP B 255 -11.61 -11.85 -13.09
C ASP B 255 -10.81 -12.67 -14.10
N GLY B 256 -9.62 -12.17 -14.40
CA GLY B 256 -8.67 -12.91 -15.20
C GLY B 256 -7.35 -12.19 -15.28
N GLY B 257 -6.57 -12.53 -16.31
CA GLY B 257 -6.67 -13.81 -17.01
C GLY B 257 -5.43 -14.69 -17.05
N ALA B 258 -4.24 -14.06 -17.13
CA ALA B 258 -3.03 -14.82 -17.43
C ALA B 258 -1.81 -14.46 -16.57
N LEU B 259 -2.00 -13.92 -15.38
CA LEU B 259 -0.85 -13.53 -14.58
C LEU B 259 -0.62 -14.53 -13.44
N GLU B 260 0.64 -14.62 -12.98
CA GLU B 260 1.03 -15.67 -12.05
C GLU B 260 1.07 -15.22 -10.60
N ASP B 261 1.83 -14.17 -10.28
CA ASP B 261 1.86 -13.68 -8.90
C ASP B 261 0.56 -12.95 -8.63
N GLU B 262 -0.38 -13.63 -7.95
CA GLU B 262 -1.70 -13.08 -7.71
C GLU B 262 -1.68 -11.89 -6.76
N GLU B 263 -0.60 -11.74 -5.97
CA GLU B 263 -0.50 -10.62 -5.05
C GLU B 263 -0.65 -9.28 -5.76
N LEU B 264 0.11 -9.07 -6.82
CA LEU B 264 -0.03 -7.86 -7.63
C LEU B 264 -1.02 -8.04 -8.76
N LYS B 265 -1.62 -9.21 -8.90
CA LYS B 265 -2.89 -9.30 -9.59
C LYS B 265 -3.99 -8.71 -8.71
N GLU B 266 -4.10 -9.21 -7.49
CA GLU B 266 -4.96 -8.62 -6.47
C GLU B 266 -4.79 -7.10 -6.39
N ARG B 267 -3.55 -6.65 -6.15
CA ARG B 267 -3.31 -5.22 -5.96
C ARG B 267 -3.67 -4.43 -7.22
N LEU B 268 -3.43 -5.00 -8.40
CA LEU B 268 -3.91 -4.32 -9.60
C LEU B 268 -5.44 -4.38 -9.67
N LEU B 269 -6.04 -5.48 -9.21
CA LEU B 269 -7.49 -5.58 -9.22
C LEU B 269 -8.14 -4.53 -8.35
N GLN B 270 -7.36 -3.81 -7.54
CA GLN B 270 -7.83 -2.62 -6.85
C GLN B 270 -7.48 -1.34 -7.59
N ASN B 271 -6.41 -1.34 -8.38
CA ASN B 271 -6.07 -0.23 -9.25
C ASN B 271 -7.09 -0.01 -10.37
N PHE B 272 -8.10 -0.89 -10.47
CA PHE B 272 -9.19 -0.69 -11.40
C PHE B 272 -10.22 0.32 -10.92
N LEU B 273 -10.16 0.71 -9.64
CA LEU B 273 -11.07 1.63 -8.97
C LEU B 273 -12.45 1.03 -8.76
N ALA B 274 -12.68 -0.22 -9.20
CA ALA B 274 -13.92 -0.97 -8.99
C ALA B 274 -13.65 -2.19 -8.10
N PRO B 275 -14.65 -2.66 -7.37
CA PRO B 275 -14.42 -3.71 -6.38
C PRO B 275 -14.62 -5.11 -6.95
N LYS B 276 -14.05 -6.10 -6.23
CA LYS B 276 -14.28 -7.49 -6.59
C LYS B 276 -15.68 -7.95 -6.23
N GLU B 277 -16.36 -7.27 -5.31
CA GLU B 277 -17.71 -7.62 -4.90
C GLU B 277 -18.46 -6.32 -4.61
N LEU B 278 -19.33 -5.93 -5.54
CA LEU B 278 -20.09 -4.69 -5.43
C LEU B 278 -21.47 -5.01 -4.87
N HIS B 279 -21.76 -4.49 -3.68
CA HIS B 279 -23.03 -4.69 -3.03
C HIS B 279 -23.87 -3.43 -3.18
N LEU B 280 -25.15 -3.61 -3.49
CA LEU B 280 -26.00 -2.50 -3.86
C LEU B 280 -27.44 -2.79 -3.47
N LYS B 281 -28.05 -1.86 -2.73
CA LYS B 281 -29.47 -1.89 -2.42
C LYS B 281 -30.18 -0.75 -3.14
N VAL B 282 -31.51 -0.85 -3.18
CA VAL B 282 -32.31 0.28 -3.64
C VAL B 282 -32.10 1.45 -2.68
N GLY B 283 -31.78 2.62 -3.25
CA GLY B 283 -31.48 3.77 -2.44
C GLY B 283 -30.02 3.95 -2.07
N ALA B 284 -29.12 3.16 -2.64
CA ALA B 284 -27.70 3.32 -2.34
C ALA B 284 -27.15 4.57 -3.04
N GLN B 285 -26.08 5.12 -2.49
CA GLN B 285 -25.47 6.34 -2.99
C GLN B 285 -24.15 5.98 -3.65
N VAL B 286 -24.06 6.22 -4.96
CA VAL B 286 -23.00 5.63 -5.76
C VAL B 286 -22.21 6.69 -6.52
N MET B 287 -21.20 6.26 -7.28
CA MET B 287 -20.32 7.16 -7.99
C MET B 287 -19.73 6.43 -9.19
N MET B 288 -19.86 7.04 -10.37
CA MET B 288 -19.24 6.49 -11.56
C MET B 288 -17.72 6.64 -11.46
N VAL B 289 -16.99 5.65 -11.99
CA VAL B 289 -15.54 5.61 -11.83
C VAL B 289 -14.81 5.52 -13.16
N LYS B 290 -15.52 5.43 -14.29
CA LYS B 290 -14.89 5.50 -15.60
C LYS B 290 -15.58 6.56 -16.44
N ASN B 291 -14.82 7.15 -17.36
CA ASN B 291 -15.32 8.17 -18.27
C ASN B 291 -16.11 7.48 -19.39
N LEU B 292 -17.41 7.30 -19.16
CA LEU B 292 -18.24 6.60 -20.14
C LEU B 292 -18.62 7.51 -21.31
N ASP B 293 -19.30 8.62 -21.02
CA ASP B 293 -19.62 9.60 -22.06
C ASP B 293 -19.37 11.00 -21.49
N ALA B 294 -19.80 12.01 -22.24
CA ALA B 294 -19.37 13.38 -21.96
C ALA B 294 -20.09 14.03 -20.79
N THR B 295 -21.19 13.46 -20.30
CA THR B 295 -21.85 13.97 -19.10
C THR B 295 -21.94 12.92 -18.00
N LEU B 296 -21.31 11.76 -18.19
CA LEU B 296 -21.31 10.68 -17.20
C LEU B 296 -19.86 10.21 -17.09
N VAL B 297 -19.14 10.71 -16.09
CA VAL B 297 -17.69 10.56 -16.01
C VAL B 297 -17.31 10.12 -14.59
N ASN B 298 -16.01 9.93 -14.40
CA ASN B 298 -15.42 9.72 -13.08
C ASN B 298 -15.89 10.79 -12.11
N GLY B 299 -16.58 10.37 -11.05
CA GLY B 299 -17.05 11.29 -10.05
C GLY B 299 -18.48 11.77 -10.22
N SER B 300 -19.27 11.11 -11.04
CA SER B 300 -20.68 11.50 -11.18
C SER B 300 -21.45 10.89 -10.01
N LEU B 301 -21.88 11.74 -9.08
CA LEU B 301 -22.64 11.25 -7.94
C LEU B 301 -24.06 10.91 -8.36
N GLY B 302 -24.67 10.01 -7.60
CA GLY B 302 -25.97 9.49 -7.98
C GLY B 302 -26.48 8.50 -6.96
N LYS B 303 -27.60 7.86 -7.31
CA LYS B 303 -28.29 6.99 -6.38
C LYS B 303 -29.00 5.89 -7.16
N VAL B 304 -29.16 4.73 -6.52
CA VAL B 304 -29.78 3.58 -7.17
C VAL B 304 -31.30 3.71 -7.04
N ILE B 305 -32.01 3.47 -8.13
CA ILE B 305 -33.45 3.61 -8.18
C ILE B 305 -34.15 2.26 -8.05
N GLU B 306 -33.70 1.27 -8.82
CA GLU B 306 -34.15 -0.11 -8.71
C GLU B 306 -33.22 -0.96 -9.57
N PHE B 307 -33.52 -2.26 -9.65
CA PHE B 307 -32.73 -3.21 -10.42
C PHE B 307 -33.61 -3.86 -11.47
N MET B 308 -33.26 -3.66 -12.74
CA MET B 308 -33.99 -4.24 -13.85
C MET B 308 -33.02 -4.79 -14.89
N ASP B 309 -33.52 -5.72 -15.72
CA ASP B 309 -32.91 -6.30 -16.90
C ASP B 309 -33.26 -5.46 -18.13
N PRO B 310 -32.39 -5.42 -19.14
CA PRO B 310 -32.58 -4.46 -20.24
C PRO B 310 -33.86 -4.68 -21.06
N GLU B 311 -34.59 -5.77 -20.82
CA GLU B 311 -35.94 -5.89 -21.36
C GLU B 311 -36.90 -4.99 -20.57
N THR B 312 -36.96 -5.19 -19.26
CA THR B 312 -37.85 -4.40 -18.41
C THR B 312 -37.55 -2.91 -18.50
N TYR B 313 -36.27 -2.54 -18.48
CA TYR B 313 -35.93 -1.12 -18.50
C TYR B 313 -36.38 -0.44 -19.79
N PHE B 314 -36.43 -1.18 -20.90
CA PHE B 314 -36.89 -0.59 -22.15
C PHE B 314 -38.33 -0.09 -22.01
N CYS B 315 -39.22 -0.94 -21.51
CA CYS B 315 -40.58 -0.50 -21.20
C CYS B 315 -40.55 0.68 -20.25
N TYR B 316 -39.78 0.59 -19.17
CA TYR B 316 -39.74 1.66 -18.18
C TYR B 316 -39.23 2.96 -18.79
N GLU B 317 -38.16 2.88 -19.57
CA GLU B 317 -37.66 4.09 -20.24
C GLU B 317 -38.67 4.62 -21.23
N ALA B 318 -39.33 3.71 -21.98
CA ALA B 318 -40.42 4.13 -22.85
C ALA B 318 -41.62 4.62 -22.06
N LEU B 319 -41.79 4.15 -20.82
CA LEU B 319 -42.90 4.62 -20.00
C LEU B 319 -42.69 6.05 -19.52
N THR B 320 -41.45 6.51 -19.45
CA THR B 320 -41.17 7.93 -19.42
C THR B 320 -41.51 8.52 -20.79
N ASN B 321 -41.85 9.82 -20.80
CA ASN B 321 -42.23 10.55 -22.02
C ASN B 321 -43.30 9.79 -22.82
N ASP B 322 -44.45 9.64 -22.19
CA ASP B 322 -45.51 8.73 -22.63
C ASP B 322 -46.85 9.45 -22.86
N PRO B 323 -46.87 10.50 -23.73
CA PRO B 323 -47.81 11.62 -23.53
C PRO B 323 -49.22 11.22 -23.11
N SER B 324 -49.92 10.41 -23.89
CA SER B 324 -50.98 9.55 -23.37
C SER B 324 -50.71 8.18 -23.97
N MET B 325 -49.89 7.37 -23.32
CA MET B 325 -49.55 6.06 -23.88
C MET B 325 -50.67 5.07 -23.60
N PRO B 326 -51.35 4.57 -24.62
CA PRO B 326 -52.29 3.47 -24.40
C PRO B 326 -51.53 2.21 -24.02
N PRO B 327 -51.94 1.52 -22.96
CA PRO B 327 -51.15 0.39 -22.46
C PRO B 327 -51.27 -0.87 -23.30
N GLU B 328 -51.85 -0.79 -24.48
CA GLU B 328 -51.82 -1.91 -25.42
C GLU B 328 -50.38 -2.26 -25.81
N LYS B 329 -49.56 -1.23 -26.05
CA LYS B 329 -48.15 -1.48 -26.34
C LYS B 329 -47.44 -2.16 -25.18
N LEU B 330 -47.86 -1.86 -23.94
CA LEU B 330 -47.27 -2.50 -22.77
C LEU B 330 -47.79 -3.92 -22.58
N GLU B 331 -49.09 -4.13 -22.84
CA GLU B 331 -49.65 -5.47 -22.70
C GLU B 331 -49.08 -6.43 -23.75
N THR B 332 -48.78 -5.92 -24.94
CA THR B 332 -48.08 -6.72 -25.94
C THR B 332 -46.72 -7.18 -25.42
N TRP B 333 -46.05 -6.32 -24.66
CA TRP B 333 -44.73 -6.65 -24.13
C TRP B 333 -44.79 -7.47 -22.85
N ALA B 334 -45.90 -7.42 -22.12
CA ALA B 334 -46.06 -8.21 -20.91
C ALA B 334 -46.36 -9.67 -21.22
N GLU B 335 -47.41 -9.91 -21.98
CA GLU B 335 -47.85 -11.26 -22.30
C GLU B 335 -47.08 -11.88 -23.46
N ASN B 336 -46.23 -11.12 -24.13
CA ASN B 336 -45.45 -11.64 -25.27
C ASN B 336 -44.11 -10.95 -25.27
N PRO B 337 -43.19 -11.36 -24.39
CA PRO B 337 -41.85 -10.77 -24.40
C PRO B 337 -41.04 -11.04 -25.67
N SER B 338 -41.56 -11.86 -26.58
CA SER B 338 -40.87 -12.06 -27.85
C SER B 338 -40.92 -10.81 -28.71
N LYS B 339 -42.09 -10.17 -28.79
CA LYS B 339 -42.20 -8.90 -29.50
C LYS B 339 -41.58 -7.75 -28.73
N LEU B 340 -41.31 -7.93 -27.43
CA LEU B 340 -40.68 -6.89 -26.64
C LEU B 340 -39.29 -6.55 -27.17
N LYS B 341 -38.58 -7.53 -27.74
CA LYS B 341 -37.24 -7.28 -28.22
C LYS B 341 -37.24 -6.72 -29.64
N ALA B 342 -38.21 -7.11 -30.47
CA ALA B 342 -38.32 -6.55 -31.81
C ALA B 342 -38.36 -5.03 -31.77
N ALA B 343 -39.03 -4.46 -30.78
CA ALA B 343 -39.05 -3.01 -30.60
C ALA B 343 -37.83 -2.49 -29.87
N MET B 344 -37.12 -3.35 -29.11
CA MET B 344 -35.94 -2.91 -28.39
C MET B 344 -34.72 -2.85 -29.30
N GLU B 345 -34.52 -3.89 -30.11
CA GLU B 345 -33.35 -3.96 -30.98
C GLU B 345 -33.54 -3.23 -32.30
N ARG B 346 -34.70 -2.57 -32.50
CA ARG B 346 -34.83 -1.63 -33.60
C ARG B 346 -34.20 -0.28 -33.29
N GLU B 347 -33.61 -0.13 -32.10
CA GLU B 347 -32.98 1.11 -31.68
C GLU B 347 -31.46 1.03 -31.63
N GLN B 348 -30.90 -0.13 -31.30
CA GLN B 348 -29.45 -0.27 -31.19
C GLN B 348 -28.81 -0.49 -32.57
N SER B 354 -17.71 -4.47 -33.17
CA SER B 354 -16.34 -4.86 -33.43
C SER B 354 -16.23 -6.38 -33.56
N ALA B 355 -15.01 -6.91 -33.43
CA ALA B 355 -14.80 -8.36 -33.48
C ALA B 355 -13.86 -8.88 -32.41
N VAL B 356 -13.29 -8.02 -31.58
CA VAL B 356 -12.80 -8.42 -30.26
C VAL B 356 -13.70 -7.89 -29.16
N ALA B 357 -14.45 -6.81 -29.41
CA ALA B 357 -15.43 -6.36 -28.43
C ALA B 357 -16.60 -7.32 -28.33
N SER B 358 -16.92 -8.03 -29.41
CA SER B 358 -17.89 -9.11 -29.37
C SER B 358 -17.29 -10.42 -28.87
N ARG B 359 -16.08 -10.36 -28.31
CA ARG B 359 -15.52 -11.44 -27.51
C ARG B 359 -15.80 -11.21 -26.03
N LYS B 360 -15.38 -10.05 -25.52
CA LYS B 360 -15.57 -9.72 -24.10
C LYS B 360 -17.03 -9.49 -23.75
N SER B 361 -17.93 -9.41 -24.73
CA SER B 361 -19.36 -9.37 -24.41
C SER B 361 -19.84 -10.72 -23.88
N SER B 362 -19.36 -11.82 -24.47
CA SER B 362 -19.77 -13.14 -24.03
C SER B 362 -19.12 -13.55 -22.71
N VAL B 363 -18.13 -12.80 -22.23
CA VAL B 363 -17.72 -12.90 -20.84
C VAL B 363 -18.39 -11.83 -19.98
N LYS B 364 -18.94 -10.77 -20.62
CA LYS B 364 -19.81 -9.83 -19.91
C LYS B 364 -21.21 -10.37 -19.74
N GLU B 365 -21.63 -11.29 -20.60
CA GLU B 365 -22.97 -11.85 -20.52
C GLU B 365 -23.07 -13.01 -19.54
N GLY B 366 -21.93 -13.54 -19.08
CA GLY B 366 -21.91 -14.39 -17.90
C GLY B 366 -21.92 -13.62 -16.59
N PHE B 367 -21.48 -12.36 -16.63
CA PHE B 367 -21.44 -11.52 -15.44
C PHE B 367 -22.83 -11.43 -14.80
N ALA B 368 -22.86 -11.46 -13.47
CA ALA B 368 -24.09 -11.37 -12.69
C ALA B 368 -25.10 -12.40 -13.16
N LYS B 369 -24.74 -13.68 -12.98
CA LYS B 369 -25.49 -14.80 -13.54
C LYS B 369 -26.97 -14.70 -13.20
N SER B 370 -27.78 -15.25 -14.09
CA SER B 370 -29.22 -15.06 -14.05
C SER B 370 -29.84 -15.90 -12.94
N ASP B 371 -30.56 -15.25 -12.03
CA ASP B 371 -31.16 -15.90 -10.87
C ASP B 371 -32.42 -16.65 -11.32
N ILE B 372 -32.22 -17.89 -11.79
CA ILE B 372 -33.35 -18.70 -12.23
C ILE B 372 -34.02 -19.40 -11.05
N GLY B 373 -33.34 -19.51 -9.91
CA GLY B 373 -33.94 -20.08 -8.72
C GLY B 373 -34.48 -19.03 -7.77
N GLU B 374 -33.69 -17.98 -7.52
CA GLU B 374 -34.11 -16.94 -6.61
C GLU B 374 -35.35 -16.22 -7.15
N PRO B 375 -36.25 -15.79 -6.27
CA PRO B 375 -37.42 -15.04 -6.73
C PRO B 375 -37.02 -13.63 -7.17
N VAL B 376 -37.82 -13.08 -8.08
CA VAL B 376 -37.68 -11.69 -8.49
C VAL B 376 -38.62 -10.88 -7.60
N SER B 377 -38.06 -10.34 -6.51
CA SER B 377 -38.84 -9.49 -5.62
C SER B 377 -39.42 -8.32 -6.43
N PRO B 378 -40.68 -7.97 -6.21
CA PRO B 378 -41.34 -6.99 -7.09
C PRO B 378 -40.58 -5.67 -7.18
N LEU B 379 -40.91 -4.91 -8.22
CA LEU B 379 -40.35 -3.58 -8.38
C LEU B 379 -40.81 -2.69 -7.24
N ASP B 380 -39.99 -1.70 -6.91
CA ASP B 380 -40.36 -0.79 -5.84
C ASP B 380 -41.44 0.17 -6.34
N SER B 381 -42.31 0.60 -5.41
CA SER B 381 -43.40 1.49 -5.78
C SER B 381 -42.91 2.90 -6.09
N SER B 382 -41.77 3.30 -5.53
CA SER B 382 -41.26 4.65 -5.76
C SER B 382 -40.72 4.85 -7.16
N VAL B 383 -40.51 3.78 -7.94
CA VAL B 383 -40.10 3.94 -9.34
C VAL B 383 -41.27 4.33 -10.22
N PHE B 384 -42.47 4.45 -9.67
CA PHE B 384 -43.64 4.92 -10.40
C PHE B 384 -44.18 6.22 -9.84
N ASP B 385 -43.40 6.91 -8.99
CA ASP B 385 -43.80 8.23 -8.52
C ASP B 385 -43.88 9.23 -9.67
N PHE B 386 -43.06 9.05 -10.71
CA PHE B 386 -43.09 9.95 -11.85
C PHE B 386 -44.45 9.92 -12.54
N MET B 387 -45.04 8.72 -12.65
CA MET B 387 -46.28 8.55 -13.39
C MET B 387 -47.48 9.16 -12.66
N LYS B 388 -47.45 9.14 -11.32
CA LYS B 388 -48.61 9.51 -10.52
C LYS B 388 -48.48 10.95 -10.05
N ARG B 389 -48.75 11.88 -10.98
CA ARG B 389 -48.81 13.31 -10.66
C ARG B 389 -49.82 14.01 -11.56
N VAL B 396 -60.07 12.97 -11.40
CA VAL B 396 -59.93 12.54 -12.79
C VAL B 396 -59.91 11.01 -12.87
N VAL B 397 -61.06 10.39 -12.57
CA VAL B 397 -61.15 8.95 -12.37
C VAL B 397 -61.12 8.21 -13.71
N LEU B 398 -61.02 8.96 -14.81
CA LEU B 398 -61.00 8.33 -16.13
C LEU B 398 -59.58 8.16 -16.67
N GLU B 399 -58.63 9.01 -16.27
CA GLU B 399 -57.25 8.85 -16.68
C GLU B 399 -56.49 7.79 -15.87
N ASN B 400 -57.16 7.15 -14.91
CA ASN B 400 -56.49 6.18 -14.03
C ASN B 400 -56.24 4.89 -14.81
N ILE B 401 -55.35 5.01 -15.79
CA ILE B 401 -55.09 3.98 -16.79
C ILE B 401 -53.93 3.12 -16.30
N LYS B 402 -53.55 3.25 -15.02
CA LYS B 402 -52.33 2.63 -14.54
C LYS B 402 -52.53 1.13 -14.31
N ARG B 403 -52.98 0.48 -15.38
CA ARG B 403 -52.60 -0.89 -15.64
C ARG B 403 -51.12 -0.98 -15.97
N LYS B 404 -50.52 0.16 -16.34
CA LYS B 404 -49.11 0.22 -16.71
C LYS B 404 -48.22 -0.31 -15.58
N GLU B 405 -48.31 0.31 -14.40
CA GLU B 405 -47.47 -0.13 -13.29
C GLU B 405 -47.78 -1.57 -12.89
N GLN B 406 -49.02 -2.03 -13.11
CA GLN B 406 -49.30 -3.45 -12.93
C GLN B 406 -48.67 -4.26 -14.07
N LEU B 407 -48.70 -3.72 -15.29
CA LEU B 407 -47.96 -4.34 -16.39
C LEU B 407 -46.47 -4.31 -16.11
N MET B 408 -45.93 -3.13 -15.79
CA MET B 408 -44.50 -2.98 -15.52
C MET B 408 -44.01 -3.97 -14.47
N GLN B 409 -44.76 -4.10 -13.36
CA GLN B 409 -44.44 -5.11 -12.37
C GLN B 409 -44.50 -6.51 -12.98
N THR B 410 -45.53 -6.77 -13.80
CA THR B 410 -45.66 -8.07 -14.45
C THR B 410 -44.49 -8.34 -15.39
N ILE B 411 -44.20 -7.40 -16.30
CA ILE B 411 -43.07 -7.55 -17.23
C ILE B 411 -41.78 -7.84 -16.47
N HIS B 412 -41.65 -7.30 -15.25
CA HIS B 412 -40.48 -7.61 -14.44
C HIS B 412 -40.49 -9.05 -13.97
N GLN B 413 -41.67 -9.56 -13.57
CA GLN B 413 -41.75 -10.94 -13.11
C GLN B 413 -41.48 -11.94 -14.23
N ASN B 414 -41.68 -11.56 -15.48
CA ASN B 414 -41.26 -12.37 -16.61
C ASN B 414 -39.77 -12.32 -16.85
N SER B 415 -39.02 -11.69 -15.96
CA SER B 415 -37.57 -11.56 -16.07
C SER B 415 -36.83 -12.34 -15.01
N ALA B 416 -37.48 -13.32 -14.38
CA ALA B 416 -36.76 -14.21 -13.49
C ALA B 416 -35.85 -15.11 -14.33
N GLY B 417 -34.74 -15.52 -13.73
CA GLY B 417 -33.71 -16.14 -14.52
C GLY B 417 -33.08 -15.19 -15.52
N LYS B 418 -33.02 -13.90 -15.20
CA LYS B 418 -32.35 -12.91 -16.01
C LYS B 418 -31.52 -11.99 -15.12
N ARG B 419 -30.55 -11.33 -15.73
CA ARG B 419 -29.60 -10.49 -15.00
C ARG B 419 -30.17 -9.09 -14.83
N ARG B 420 -30.33 -8.66 -13.58
CA ARG B 420 -30.90 -7.36 -13.26
C ARG B 420 -29.79 -6.42 -12.80
N LEU B 421 -29.63 -5.30 -13.50
CA LEU B 421 -28.59 -4.31 -13.30
C LEU B 421 -29.13 -3.12 -12.51
N PRO B 422 -28.24 -2.32 -11.89
CA PRO B 422 -28.70 -1.17 -11.11
C PRO B 422 -29.06 0.02 -12.00
N LEU B 423 -30.35 0.33 -12.05
CA LEU B 423 -30.83 1.54 -12.70
C LEU B 423 -30.54 2.73 -11.77
N VAL B 424 -29.57 3.56 -12.14
CA VAL B 424 -29.11 4.65 -11.30
C VAL B 424 -29.63 5.97 -11.83
N ARG B 425 -30.13 6.82 -10.94
CA ARG B 425 -30.36 8.23 -11.26
C ARG B 425 -29.10 9.01 -10.91
N PHE B 426 -28.51 9.65 -11.92
CA PHE B 426 -27.33 10.48 -11.72
C PHE B 426 -27.73 11.94 -11.69
N LYS B 427 -27.17 12.69 -10.74
CA LYS B 427 -27.48 14.11 -10.59
C LYS B 427 -26.22 14.92 -10.89
N ALA B 428 -26.32 15.79 -11.89
CA ALA B 428 -25.20 16.64 -12.26
C ALA B 428 -25.09 17.84 -11.32
N SER B 429 -24.13 18.72 -11.61
CA SER B 429 -23.96 19.93 -10.81
C SER B 429 -24.96 21.02 -11.15
N ASP B 430 -25.53 20.99 -12.36
CA ASP B 430 -26.57 21.94 -12.73
C ASP B 430 -27.94 21.51 -12.25
N MET B 431 -27.98 20.59 -11.29
CA MET B 431 -29.19 20.07 -10.67
C MET B 431 -30.09 19.35 -11.67
N SER B 432 -29.52 18.89 -12.79
CA SER B 432 -30.22 18.06 -13.74
C SER B 432 -29.89 16.59 -13.49
N THR B 433 -30.87 15.72 -13.73
CA THR B 433 -30.72 14.30 -13.45
C THR B 433 -30.69 13.50 -14.76
N ARG B 434 -30.31 12.23 -14.62
CA ARG B 434 -30.20 11.35 -15.78
C ARG B 434 -30.25 9.91 -15.31
N MET B 435 -31.29 9.17 -15.73
CA MET B 435 -31.39 7.76 -15.41
C MET B 435 -30.44 6.95 -16.30
N VAL B 436 -29.83 5.91 -15.73
CA VAL B 436 -28.89 5.05 -16.44
C VAL B 436 -29.05 3.62 -15.92
N LEU B 437 -29.17 2.66 -16.84
CA LEU B 437 -29.09 1.25 -16.50
C LEU B 437 -27.63 0.85 -16.69
N VAL B 438 -26.92 0.68 -15.58
CA VAL B 438 -25.46 0.67 -15.60
C VAL B 438 -24.95 -0.72 -15.96
N GLU B 439 -24.20 -0.81 -17.06
CA GLU B 439 -23.61 -1.99 -17.66
C GLU B 439 -22.16 -2.15 -17.23
N PRO B 440 -21.73 -3.39 -17.01
CA PRO B 440 -20.33 -3.62 -16.62
C PRO B 440 -19.37 -3.23 -17.73
N GLU B 441 -18.19 -2.78 -17.32
CA GLU B 441 -17.06 -2.55 -18.21
C GLU B 441 -15.99 -3.60 -17.97
N ASP B 442 -15.02 -3.64 -18.88
CA ASP B 442 -13.82 -4.45 -18.68
C ASP B 442 -12.65 -3.53 -18.32
N TRP B 443 -11.86 -3.95 -17.34
CA TRP B 443 -10.62 -3.28 -16.99
C TRP B 443 -9.49 -4.29 -17.14
N ALA B 444 -8.58 -4.03 -18.06
CA ALA B 444 -7.43 -4.88 -18.26
C ALA B 444 -6.14 -4.08 -18.19
N ILE B 445 -5.07 -4.75 -17.78
CA ILE B 445 -3.70 -4.29 -17.97
C ILE B 445 -3.01 -5.38 -18.78
N GLU B 446 -2.49 -5.01 -19.93
CA GLU B 446 -2.06 -5.98 -20.94
C GLU B 446 -0.71 -5.55 -21.49
N ASP B 447 -0.28 -6.23 -22.56
CA ASP B 447 1.06 -6.04 -23.10
C ASP B 447 1.01 -5.73 -24.60
N GLU B 448 2.19 -5.70 -25.23
CA GLU B 448 2.28 -5.37 -26.65
C GLU B 448 1.52 -6.35 -27.53
N ASN B 449 1.14 -7.52 -27.02
CA ASN B 449 0.33 -8.48 -27.75
C ASN B 449 -1.12 -8.50 -27.28
N GLU B 450 -1.53 -7.48 -26.52
CA GLU B 450 -2.88 -7.29 -26.00
C GLU B 450 -3.29 -8.36 -25.00
N LYS B 451 -2.40 -9.30 -24.66
CA LYS B 451 -2.65 -10.36 -23.70
C LYS B 451 -3.13 -9.79 -22.38
N PRO B 452 -4.38 -10.04 -22.00
CA PRO B 452 -4.85 -9.52 -20.70
C PRO B 452 -4.19 -10.24 -19.55
N LEU B 453 -3.30 -9.55 -18.84
CA LEU B 453 -2.61 -10.16 -17.72
C LEU B 453 -3.48 -10.11 -16.47
N VAL B 454 -3.87 -8.91 -16.04
CA VAL B 454 -4.92 -8.72 -15.07
C VAL B 454 -6.11 -8.11 -15.80
N SER B 455 -7.25 -8.78 -15.74
CA SER B 455 -8.45 -8.30 -16.42
C SER B 455 -9.67 -8.62 -15.56
N ARG B 456 -10.59 -7.68 -15.48
CA ARG B 456 -11.77 -7.85 -14.64
C ARG B 456 -12.95 -7.14 -15.25
N VAL B 457 -14.10 -7.82 -15.28
CA VAL B 457 -15.38 -7.22 -15.64
C VAL B 457 -16.15 -6.95 -14.35
N GLN B 458 -16.62 -5.72 -14.19
CA GLN B 458 -17.36 -5.34 -12.99
C GLN B 458 -18.14 -4.07 -13.31
N LEU B 459 -19.12 -3.78 -12.47
CA LEU B 459 -19.87 -2.54 -12.59
C LEU B 459 -18.94 -1.35 -12.33
N PRO B 460 -19.05 -0.28 -13.12
CA PRO B 460 -18.25 0.93 -12.87
C PRO B 460 -18.83 1.78 -11.73
N LEU B 461 -18.96 1.18 -10.56
CA LEU B 461 -19.57 1.86 -9.42
C LEU B 461 -18.80 1.56 -8.14
N MET B 462 -18.65 2.58 -7.32
CA MET B 462 -18.36 2.44 -5.90
C MET B 462 -19.51 3.08 -5.12
N LEU B 463 -19.56 2.82 -3.82
CA LEU B 463 -20.50 3.52 -2.97
C LEU B 463 -19.93 4.87 -2.57
N ALA B 464 -20.80 5.85 -2.43
CA ALA B 464 -20.36 7.23 -2.31
C ALA B 464 -21.07 7.94 -1.16
N TRP B 465 -21.27 7.23 -0.05
CA TRP B 465 -21.54 7.91 1.21
C TRP B 465 -20.25 8.41 1.83
N SER B 466 -19.16 7.68 1.62
CA SER B 466 -17.86 8.03 2.13
C SER B 466 -16.89 8.21 0.97
N LEU B 467 -16.08 9.25 1.04
CA LEU B 467 -15.09 9.55 0.03
C LEU B 467 -13.75 9.70 0.71
N SER B 468 -12.69 9.32 0.01
CA SER B 468 -11.36 9.70 0.49
C SER B 468 -11.33 11.21 0.66
N ILE B 469 -10.49 11.69 1.58
CA ILE B 469 -10.45 13.13 1.82
C ILE B 469 -10.00 13.86 0.57
N HIS B 470 -9.28 13.17 -0.32
CA HIS B 470 -8.91 13.74 -1.61
C HIS B 470 -10.14 13.99 -2.47
N LYS B 471 -10.95 12.97 -2.68
CA LYS B 471 -12.12 13.10 -3.56
C LYS B 471 -13.21 13.97 -2.95
N SER B 472 -13.08 14.36 -1.69
CA SER B 472 -14.04 15.27 -1.07
C SER B 472 -13.59 16.72 -1.14
N GLN B 473 -12.32 16.97 -1.40
CA GLN B 473 -11.83 18.34 -1.54
C GLN B 473 -12.63 19.05 -2.62
N GLY B 474 -13.36 20.10 -2.22
CA GLY B 474 -14.31 20.78 -3.07
C GLY B 474 -15.76 20.54 -2.67
N GLN B 475 -16.03 19.47 -1.92
CA GLN B 475 -17.39 19.19 -1.48
C GLN B 475 -17.83 20.17 -0.38
N THR B 476 -19.13 20.38 -0.30
CA THR B 476 -19.77 21.18 0.76
C THR B 476 -20.79 20.28 1.44
N LEU B 477 -20.39 19.66 2.55
CA LEU B 477 -21.22 18.64 3.19
C LEU B 477 -22.01 19.24 4.34
N PRO B 478 -23.32 19.00 4.40
CA PRO B 478 -24.13 19.59 5.48
C PRO B 478 -24.15 18.77 6.75
N LYS B 479 -23.88 17.47 6.64
CA LYS B 479 -23.80 16.58 7.80
C LYS B 479 -22.72 15.55 7.49
N VAL B 480 -21.57 15.67 8.14
CA VAL B 480 -20.38 14.95 7.73
C VAL B 480 -19.72 14.32 8.95
N LYS B 481 -19.54 13.00 8.92
CA LYS B 481 -18.69 12.33 9.87
C LYS B 481 -17.25 12.39 9.38
N VAL B 482 -16.32 12.63 10.30
CA VAL B 482 -14.92 12.80 9.94
C VAL B 482 -14.06 12.03 10.94
N ASP B 483 -13.19 11.18 10.41
CA ASP B 483 -12.29 10.36 11.22
C ASP B 483 -10.89 10.57 10.68
N LEU B 484 -10.06 11.31 11.43
CA LEU B 484 -8.74 11.74 10.98
C LEU B 484 -7.63 10.83 11.49
N ARG B 485 -7.91 9.54 11.66
CA ARG B 485 -6.89 8.61 12.12
C ARG B 485 -5.74 8.50 11.12
N ARG B 486 -6.04 8.03 9.91
CA ARG B 486 -5.01 7.76 8.92
C ARG B 486 -4.76 8.95 8.00
N VAL B 487 -4.47 10.12 8.57
CA VAL B 487 -4.23 11.32 7.78
C VAL B 487 -2.74 11.63 7.82
N PHE B 488 -2.18 11.94 6.66
CA PHE B 488 -0.73 11.93 6.48
C PHE B 488 -0.19 13.10 5.66
N GLU B 489 -1.01 14.09 5.32
CA GLU B 489 -0.59 15.12 4.39
C GLU B 489 -0.99 16.49 4.93
N LYS B 490 -0.05 17.41 4.87
CA LYS B 490 -0.30 18.79 5.29
C LYS B 490 -1.50 19.35 4.54
N GLY B 491 -2.41 19.98 5.29
CA GLY B 491 -3.65 20.48 4.75
C GLY B 491 -4.79 19.48 4.73
N GLN B 492 -4.49 18.19 4.53
CA GLN B 492 -5.53 17.17 4.42
C GLN B 492 -6.49 17.21 5.59
N ALA B 493 -5.98 17.11 6.82
CA ALA B 493 -6.83 17.15 8.00
C ALA B 493 -7.71 18.39 8.01
N TYR B 494 -7.17 19.52 7.58
CA TYR B 494 -7.95 20.75 7.51
C TYR B 494 -9.08 20.65 6.49
N VAL B 495 -8.79 20.10 5.30
CA VAL B 495 -9.82 19.93 4.27
C VAL B 495 -11.05 19.26 4.83
N ALA B 496 -10.86 18.13 5.51
CA ALA B 496 -11.98 17.27 5.90
C ALA B 496 -12.94 18.00 6.84
N LEU B 497 -12.40 18.62 7.89
CA LEU B 497 -13.25 19.38 8.80
C LEU B 497 -13.80 20.64 8.15
N SER B 498 -13.09 21.19 7.15
CA SER B 498 -13.58 22.39 6.47
C SER B 498 -14.72 22.08 5.52
N ARG B 499 -14.88 20.82 5.08
CA ARG B 499 -16.01 20.44 4.26
C ARG B 499 -17.34 20.52 5.00
N ALA B 500 -17.34 20.83 6.29
CA ALA B 500 -18.55 20.84 7.09
C ALA B 500 -19.25 22.19 6.97
N VAL B 501 -20.58 22.14 6.94
CA VAL B 501 -21.39 23.36 6.80
C VAL B 501 -21.63 24.06 8.13
N SER B 502 -21.33 23.41 9.26
CA SER B 502 -21.71 23.88 10.58
C SER B 502 -20.97 23.05 11.61
N ARG B 503 -21.26 23.31 12.89
CA ARG B 503 -20.75 22.49 13.98
C ARG B 503 -21.77 21.53 14.53
N GLU B 504 -23.07 21.88 14.46
CA GLU B 504 -24.11 20.95 14.88
C GLU B 504 -24.02 19.64 14.08
N GLY B 505 -23.94 19.75 12.75
CA GLY B 505 -23.74 18.59 11.91
C GLY B 505 -22.29 18.30 11.57
N LEU B 506 -21.47 18.00 12.57
CA LEU B 506 -20.08 17.62 12.32
C LEU B 506 -19.58 16.75 13.46
N GLN B 507 -18.90 15.65 13.11
CA GLN B 507 -18.24 14.78 14.09
C GLN B 507 -16.78 14.63 13.71
N VAL B 508 -15.91 14.63 14.73
CA VAL B 508 -14.47 14.53 14.53
C VAL B 508 -13.95 13.47 15.50
N LEU B 509 -13.49 12.35 14.96
CA LEU B 509 -12.87 11.29 15.75
C LEU B 509 -11.36 11.34 15.64
N ASN B 510 -10.69 10.92 16.72
CA ASN B 510 -9.23 10.80 16.77
C ASN B 510 -8.55 12.10 16.33
N PHE B 511 -9.10 13.22 16.77
CA PHE B 511 -8.49 14.53 16.55
C PHE B 511 -7.07 14.56 17.12
N ASP B 512 -6.10 14.94 16.29
CA ASP B 512 -4.68 14.80 16.61
C ASP B 512 -3.95 16.08 16.20
N ARG B 513 -3.78 16.99 17.16
CA ARG B 513 -3.17 18.29 16.88
C ARG B 513 -1.67 18.21 16.59
N THR B 514 -1.03 17.09 16.90
CA THR B 514 0.33 16.88 16.39
C THR B 514 0.34 16.55 14.90
N ARG B 515 -0.83 16.29 14.32
CA ARG B 515 -0.97 16.01 12.90
C ARG B 515 -1.79 17.11 12.21
N ILE B 516 -1.58 18.36 12.62
CA ILE B 516 -2.13 19.52 11.93
C ILE B 516 -0.98 20.49 11.76
N LYS B 517 -0.34 20.44 10.59
CA LYS B 517 0.82 21.28 10.29
C LYS B 517 0.73 21.76 8.86
N ALA B 518 1.42 22.85 8.57
CA ALA B 518 1.43 23.46 7.25
C ALA B 518 2.65 23.00 6.46
N HIS B 519 2.70 23.42 5.20
CA HIS B 519 3.89 23.26 4.36
C HIS B 519 4.49 24.63 4.10
N GLN B 520 5.82 24.66 4.00
CA GLN B 520 6.55 25.93 3.99
C GLN B 520 6.45 26.64 2.65
N LYS B 521 6.40 25.90 1.54
CA LYS B 521 6.37 26.55 0.22
C LYS B 521 5.10 27.38 0.04
N VAL B 522 3.96 26.84 0.46
CA VAL B 522 2.71 27.62 0.46
C VAL B 522 2.89 28.90 1.25
N ILE B 523 3.34 28.77 2.50
CA ILE B 523 3.58 29.94 3.35
C ILE B 523 4.55 30.90 2.69
N ASP B 524 5.64 30.38 2.11
CA ASP B 524 6.54 31.24 1.34
C ASP B 524 5.81 31.89 0.16
N PHE B 525 4.91 31.14 -0.49
CA PHE B 525 4.27 31.65 -1.69
C PHE B 525 3.32 32.81 -1.39
N TYR B 526 2.50 32.67 -0.34
CA TYR B 526 1.53 33.72 -0.03
C TYR B 526 2.19 35.02 0.40
N LEU B 527 3.48 35.00 0.75
CA LEU B 527 4.19 36.25 1.03
C LEU B 527 4.40 37.09 -0.23
N THR B 528 3.91 36.64 -1.39
CA THR B 528 4.19 37.28 -2.67
C THR B 528 2.94 37.43 -3.52
N LEU B 529 1.77 37.55 -2.92
CA LEU B 529 0.53 37.54 -3.68
C LEU B 529 -0.26 38.83 -3.48
N SER B 530 -1.30 38.98 -4.30
CA SER B 530 -2.05 40.22 -4.43
C SER B 530 -3.43 40.11 -3.79
N SER B 531 -3.94 41.25 -3.32
CA SER B 531 -5.22 41.33 -2.62
C SER B 531 -6.39 41.27 -3.61
N ALA B 532 -7.58 41.07 -3.05
CA ALA B 532 -8.80 41.13 -3.86
C ALA B 532 -9.03 42.52 -4.45
N GLU B 533 -8.39 43.54 -3.89
CA GLU B 533 -8.47 44.89 -4.44
C GLU B 533 -7.25 45.26 -5.27
N SER B 534 -6.21 44.44 -5.25
CA SER B 534 -5.20 44.50 -6.29
C SER B 534 -5.74 44.02 -7.63
N ALA B 535 -7.00 43.61 -7.66
CA ALA B 535 -7.71 43.26 -8.89
C ALA B 535 -8.71 44.32 -9.32
N TYR B 536 -9.31 45.07 -8.39
CA TYR B 536 -10.11 46.22 -8.80
C TYR B 536 -9.22 47.31 -9.38
N LYS B 537 -8.04 47.52 -8.77
CA LYS B 537 -7.06 48.45 -9.30
C LYS B 537 -6.55 48.02 -10.67
N GLN B 538 -6.89 46.81 -11.11
CA GLN B 538 -6.60 46.35 -12.46
C GLN B 538 -7.81 46.44 -13.38
N LEU B 539 -9.02 46.43 -12.83
CA LEU B 539 -10.22 46.59 -13.65
C LEU B 539 -10.20 47.90 -14.41
N GLU B 540 -9.89 48.99 -13.72
CA GLU B 540 -9.86 50.32 -14.33
C GLU B 540 -8.54 50.62 -15.03
N ALA B 541 -7.65 49.64 -15.17
CA ALA B 541 -6.41 49.84 -15.91
C ALA B 541 -6.57 49.49 -17.38
N ASP B 542 -7.46 48.55 -17.72
CA ASP B 542 -7.87 48.38 -19.11
C ASP B 542 -8.58 49.62 -19.64
N GLU B 543 -9.15 50.43 -18.75
CA GLU B 543 -9.86 51.64 -19.15
C GLU B 543 -9.41 52.83 -18.29
PG AGS E . 9.44 -14.32 22.20
S1G AGS E . 10.09 -15.40 20.71
O2G AGS E . 7.89 -14.45 22.36
O3G AGS E . 9.81 -12.82 22.00
PB AGS E . 11.62 -14.29 23.68
O1B AGS E . 11.51 -12.82 24.08
O2B AGS E . 12.38 -14.50 22.44
O3B AGS E . 10.12 -14.76 23.53
PA AGS E . 13.93 -15.03 24.68
O1A AGS E . 14.21 -14.18 23.44
O2A AGS E . 14.44 -16.42 24.50
O3A AGS E . 12.37 -14.92 24.91
O5' AGS E . 14.63 -14.41 25.95
C5' AGS E . 16.00 -14.08 25.74
C4' AGS E . 16.43 -12.96 26.65
O4' AGS E . 16.15 -13.33 28.02
C3' AGS E . 17.92 -12.71 26.62
O3' AGS E . 18.23 -11.40 27.08
C2' AGS E . 18.43 -13.79 27.58
O2' AGS E . 19.72 -13.46 28.12
C1' AGS E . 17.34 -13.76 28.66
N9 AGS E . 17.10 -15.04 29.29
C8 AGS E . 16.14 -15.95 28.95
N7 AGS E . 16.14 -17.03 29.71
C5 AGS E . 17.16 -16.80 30.61
C6 AGS E . 17.68 -17.56 31.68
N6 AGS E . 17.19 -18.75 32.04
N1 AGS E . 18.70 -17.04 32.39
C2 AGS E . 19.18 -15.84 32.03
N3 AGS E . 18.78 -15.03 31.05
C4 AGS E . 17.76 -15.57 30.37
MG MG F . 12.58 -15.49 20.34
PG AGS G . -13.11 24.85 -2.30
S1G AGS G . -13.54 24.57 -4.19
O2G AGS G . -11.58 25.05 -2.15
O3G AGS G . -13.52 23.59 -1.48
PB AGS G . -14.91 26.97 -2.47
O1B AGS G . -14.44 28.37 -2.62
O2B AGS G . -15.15 26.30 -3.82
O3B AGS G . -13.85 26.08 -1.68
PA AGS G . -17.62 27.08 -2.65
O1A AGS G . -17.46 28.12 -3.68
O2A AGS G . -17.92 25.69 -3.24
O3A AGS G . -16.32 26.92 -1.75
O5' AGS G . -18.77 27.51 -1.65
C5' AGS G . -19.44 26.50 -0.87
C4' AGS G . -20.58 27.13 -0.11
O4' AGS G . -20.45 28.57 -0.10
C3' AGS G . -21.98 26.83 -0.65
O3' AGS G . -22.89 26.59 0.41
C2' AGS G . -22.33 28.11 -1.41
O2' AGS G . -23.74 28.33 -1.46
C1' AGS G . -21.65 29.16 -0.54
N9 AGS G . -21.33 30.40 -1.23
C8 AGS G . -20.26 30.64 -2.05
N7 AGS G . -20.23 31.87 -2.54
C5 AGS G . -21.35 32.47 -1.99
C6 AGS G . -21.88 33.77 -2.11
N6 AGS G . -21.33 34.73 -2.86
N1 AGS G . -23.02 34.04 -1.43
C2 AGS G . -23.57 33.08 -0.69
N3 AGS G . -23.16 31.83 -0.50
C4 AGS G . -22.03 31.59 -1.18
MG MG H . -14.99 23.34 -5.67
#